data_7NRA
#
_entry.id   7NRA
#
_cell.length_a   64.120
_cell.length_b   70.200
_cell.length_c   85.010
_cell.angle_alpha   90.000
_cell.angle_beta   93.120
_cell.angle_gamma   90.000
#
_symmetry.space_group_name_H-M   'P 1 21 1'
#
loop_
_entity.id
_entity.type
_entity.pdbx_description
1 polymer 'TRAP dicarboxylate transporter, DctP subunit'
2 non-polymer 'HYDROCINNAMIC ACID'
3 water water
#
_entity_poly.entity_id   1
_entity_poly.type   'polypeptide(L)'
_entity_poly.pdbx_seq_one_letter_code
;MQEVTLTLHQFLPAQANVPKDVLDVWADNVEEASDGRIEIERYPSMQLGGTPPELMDQAIDGIADIVWTVVGYTPGRYPS
TEVFELPFMVSDARAASYAYWKMFEEHMKDGEFADVKILGTWVHGPGMFHTNKPVAVPSDLEGMKIRGGSRLVNDLLTRV
GAEPIGMPVPAISEALSKGVIDGTTIPWEVTSALKVPELVGNHTEFDGPALYNLTFVLAMNKDAYESLPEDLQEVIDSQS
GLAFSIFAGGTQADADGPARQIAVDRGNNIVTVSQEDAKAWDALVNPIYETWVAEMNDKGIDGQALIDEAKSLMEEYDPS
MDTYGKAAALEHHHHHH
;
_entity_poly.pdbx_strand_id   AAA,BBB
#
loop_
_chem_comp.id
_chem_comp.type
_chem_comp.name
_chem_comp.formula
HCI non-polymer 'HYDROCINNAMIC ACID' 'C9 H10 O2'
#
# COMPACT_ATOMS: atom_id res chain seq x y z
N GLU A 3 6.56 -29.77 3.47
CA GLU A 3 6.66 -28.39 4.06
C GLU A 3 7.08 -27.40 2.97
N VAL A 4 6.14 -26.56 2.51
CA VAL A 4 6.31 -25.71 1.29
C VAL A 4 5.87 -24.30 1.65
N THR A 5 6.68 -23.29 1.33
CA THR A 5 6.32 -21.85 1.40
C THR A 5 6.38 -21.28 -0.02
N LEU A 6 5.29 -20.66 -0.48
CA LEU A 6 5.20 -19.97 -1.79
C LEU A 6 4.94 -18.48 -1.54
N THR A 7 5.54 -17.61 -2.36
CA THR A 7 5.36 -16.15 -2.31
C THR A 7 4.38 -15.74 -3.42
N LEU A 8 3.40 -14.91 -3.05
CA LEU A 8 2.43 -14.31 -4.00
C LEU A 8 2.68 -12.81 -3.98
N HIS A 9 2.85 -12.21 -5.17
CA HIS A 9 3.15 -10.77 -5.34
C HIS A 9 2.07 -10.15 -6.23
N GLN A 10 1.54 -9.01 -5.83
CA GLN A 10 0.52 -8.30 -6.66
C GLN A 10 0.63 -6.79 -6.38
N PHE A 11 -0.18 -5.98 -7.06
CA PHE A 11 0.08 -4.54 -7.30
C PHE A 11 -0.93 -3.67 -6.56
N LEU A 12 -1.93 -4.24 -5.89
CA LEU A 12 -2.94 -3.44 -5.14
C LEU A 12 -2.79 -3.68 -3.64
N PRO A 13 -3.35 -2.79 -2.80
CA PRO A 13 -3.29 -2.95 -1.36
C PRO A 13 -4.02 -4.23 -0.90
N ALA A 14 -3.66 -4.72 0.29
CA ALA A 14 -4.16 -6.00 0.83
C ALA A 14 -5.69 -5.96 1.01
N GLN A 15 -6.25 -4.79 1.33
CA GLN A 15 -7.70 -4.62 1.62
C GLN A 15 -8.47 -4.24 0.33
N ALA A 16 -7.81 -4.15 -0.83
CA ALA A 16 -8.49 -4.02 -2.14
C ALA A 16 -9.35 -5.26 -2.41
N ASN A 17 -10.30 -5.17 -3.34
CA ASN A 17 -11.37 -6.20 -3.49
C ASN A 17 -10.82 -7.52 -4.05
N VAL A 18 -10.04 -7.48 -5.13
CA VAL A 18 -9.50 -8.75 -5.67
C VAL A 18 -8.56 -9.39 -4.63
N PRO A 19 -7.59 -8.66 -4.05
CA PRO A 19 -6.67 -9.30 -3.08
C PRO A 19 -7.41 -9.98 -1.91
N LYS A 20 -8.37 -9.28 -1.34
CA LYS A 20 -9.03 -9.73 -0.08
C LYS A 20 -10.10 -10.80 -0.40
N ASP A 21 -10.95 -10.60 -1.39
CA ASP A 21 -12.12 -11.49 -1.66
C ASP A 21 -11.81 -12.49 -2.78
N VAL A 22 -10.67 -12.40 -3.48
CA VAL A 22 -10.38 -13.43 -4.55
C VAL A 22 -9.07 -14.14 -4.21
N LEU A 23 -7.95 -13.40 -4.14
CA LEU A 23 -6.60 -13.99 -3.99
C LEU A 23 -6.43 -14.60 -2.58
N ASP A 24 -6.84 -13.91 -1.52
CA ASP A 24 -6.73 -14.47 -0.15
C ASP A 24 -7.61 -15.73 -0.04
N VAL A 25 -8.76 -15.78 -0.73
CA VAL A 25 -9.68 -16.96 -0.71
C VAL A 25 -8.99 -18.13 -1.46
N TRP A 26 -8.41 -17.86 -2.62
CA TRP A 26 -7.62 -18.88 -3.34
C TRP A 26 -6.49 -19.40 -2.46
N ALA A 27 -5.63 -18.50 -1.96
CA ALA A 27 -4.45 -18.88 -1.15
C ALA A 27 -4.93 -19.66 0.09
N ASP A 28 -5.94 -19.16 0.79
CA ASP A 28 -6.51 -19.89 1.98
C ASP A 28 -6.98 -21.28 1.54
N ASN A 29 -7.65 -21.39 0.39
CA ASN A 29 -8.11 -22.69 -0.17
C ASN A 29 -6.92 -23.63 -0.34
N VAL A 30 -5.80 -23.18 -0.91
CA VAL A 30 -4.65 -24.07 -1.24
C VAL A 30 -4.03 -24.56 0.07
N GLU A 31 -3.87 -23.66 1.04
CA GLU A 31 -3.36 -23.97 2.41
C GLU A 31 -4.28 -25.00 3.09
N GLU A 32 -5.59 -24.73 3.17
CA GLU A 32 -6.58 -25.65 3.83
C GLU A 32 -6.57 -27.00 3.10
N ALA A 33 -6.64 -26.98 1.77
CA ALA A 33 -6.65 -28.20 0.92
C ALA A 33 -5.34 -28.99 1.05
N SER A 34 -4.22 -28.34 1.35
CA SER A 34 -2.91 -29.03 1.47
C SER A 34 -2.72 -29.58 2.88
N ASP A 35 -3.73 -29.43 3.75
CA ASP A 35 -3.68 -29.81 5.18
C ASP A 35 -2.49 -29.09 5.87
N GLY A 36 -2.23 -27.83 5.52
CA GLY A 36 -1.17 -27.01 6.13
C GLY A 36 0.22 -27.24 5.53
N ARG A 37 0.34 -28.08 4.50
CA ARG A 37 1.67 -28.46 3.93
C ARG A 37 2.20 -27.32 3.05
N ILE A 38 1.30 -26.47 2.56
CA ILE A 38 1.63 -25.24 1.79
C ILE A 38 1.21 -24.05 2.66
N GLU A 39 2.12 -23.09 2.81
CA GLU A 39 1.84 -21.72 3.32
C GLU A 39 2.10 -20.76 2.17
N ILE A 40 1.19 -19.82 1.96
CA ILE A 40 1.40 -18.75 0.93
C ILE A 40 1.54 -17.41 1.66
N GLU A 41 2.71 -16.82 1.49
CA GLU A 41 2.99 -15.41 1.86
C GLU A 41 2.45 -14.50 0.77
N ARG A 42 1.61 -13.52 1.12
CA ARG A 42 0.98 -12.56 0.17
C ARG A 42 1.63 -11.18 0.35
N TYR A 43 2.24 -10.64 -0.71
CA TYR A 43 2.93 -9.32 -0.74
C TYR A 43 2.16 -8.37 -1.65
N PRO A 44 1.48 -7.37 -1.07
CA PRO A 44 0.69 -6.44 -1.85
C PRO A 44 1.54 -5.23 -2.30
N SER A 45 0.98 -4.44 -3.20
CA SER A 45 1.44 -3.07 -3.55
C SER A 45 2.91 -3.13 -3.98
N MET A 46 3.27 -4.18 -4.72
CA MET A 46 4.64 -4.39 -5.26
C MET A 46 5.65 -4.23 -4.11
N GLN A 47 5.31 -4.76 -2.93
CA GLN A 47 6.17 -4.64 -1.71
C GLN A 47 7.58 -5.23 -1.96
N LEU A 48 7.71 -6.25 -2.83
CA LEU A 48 9.03 -6.92 -3.11
C LEU A 48 9.80 -6.16 -4.20
N GLY A 49 9.28 -5.03 -4.70
CA GLY A 49 9.97 -4.12 -5.65
C GLY A 49 9.44 -4.31 -7.06
N GLY A 50 9.77 -3.38 -7.96
CA GLY A 50 9.39 -3.47 -9.38
C GLY A 50 8.12 -2.70 -9.67
N THR A 51 7.73 -2.67 -10.95
CA THR A 51 6.47 -2.04 -11.43
C THR A 51 5.49 -3.13 -11.81
N PRO A 52 4.17 -2.88 -11.72
CA PRO A 52 3.19 -3.93 -12.00
C PRO A 52 3.40 -4.60 -13.35
N PRO A 53 3.76 -3.89 -14.45
CA PRO A 53 4.03 -4.58 -15.72
C PRO A 53 5.09 -5.70 -15.64
N GLU A 54 6.02 -5.60 -14.71
CA GLU A 54 7.12 -6.55 -14.46
C GLU A 54 6.63 -7.85 -13.78
N LEU A 55 5.37 -7.93 -13.34
CA LEU A 55 4.94 -9.08 -12.50
C LEU A 55 5.03 -10.40 -13.25
N MET A 56 4.56 -10.48 -14.50
CA MET A 56 4.65 -11.72 -15.31
C MET A 56 6.09 -12.25 -15.30
N ASP A 57 7.07 -11.38 -15.58
CA ASP A 57 8.50 -11.79 -15.64
C ASP A 57 9.02 -12.09 -14.22
N GLN A 58 8.50 -11.46 -13.16
CA GLN A 58 8.85 -11.87 -11.78
C GLN A 58 8.47 -13.34 -11.55
N ALA A 59 7.33 -13.82 -12.04
CA ALA A 59 6.90 -15.24 -11.92
C ALA A 59 7.84 -16.11 -12.77
N ILE A 60 8.10 -15.72 -14.00
CA ILE A 60 8.94 -16.53 -14.94
C ILE A 60 10.36 -16.66 -14.37
N ASP A 61 10.93 -15.59 -13.82
CA ASP A 61 12.33 -15.55 -13.33
C ASP A 61 12.43 -16.08 -11.90
N GLY A 62 11.32 -16.38 -11.23
CA GLY A 62 11.29 -16.99 -9.88
C GLY A 62 11.51 -16.00 -8.77
N ILE A 63 11.36 -14.70 -9.04
CA ILE A 63 11.46 -13.60 -8.04
C ILE A 63 10.31 -13.78 -7.05
N ALA A 64 9.16 -14.17 -7.57
CA ALA A 64 7.94 -14.52 -6.84
C ALA A 64 7.47 -15.87 -7.37
N ASP A 65 6.83 -16.70 -6.54
CA ASP A 65 6.28 -17.98 -7.05
C ASP A 65 5.00 -17.74 -7.84
N ILE A 66 4.16 -16.79 -7.39
CA ILE A 66 2.79 -16.60 -7.94
C ILE A 66 2.55 -15.08 -8.11
N VAL A 67 1.94 -14.64 -9.19
CA VAL A 67 1.56 -13.21 -9.36
C VAL A 67 0.15 -13.13 -9.91
N TRP A 68 -0.56 -12.06 -9.54
CA TRP A 68 -1.75 -11.57 -10.24
C TRP A 68 -1.32 -10.34 -11.03
N THR A 69 -1.58 -10.31 -12.33
CA THR A 69 -1.13 -9.18 -13.18
C THR A 69 -2.14 -8.97 -14.30
N VAL A 70 -2.04 -7.81 -14.92
CA VAL A 70 -2.87 -7.40 -16.06
C VAL A 70 -2.16 -7.85 -17.34
N VAL A 71 -2.83 -8.63 -18.18
CA VAL A 71 -2.19 -9.26 -19.38
C VAL A 71 -1.70 -8.11 -20.27
N GLY A 72 -2.47 -7.03 -20.30
CA GLY A 72 -2.30 -5.90 -21.22
C GLY A 72 -1.09 -5.08 -20.89
N TYR A 73 -0.50 -5.29 -19.69
CA TYR A 73 0.69 -4.54 -19.21
C TYR A 73 1.97 -5.01 -19.93
N THR A 74 1.91 -6.16 -20.60
CA THR A 74 2.98 -6.67 -21.49
C THR A 74 2.38 -6.86 -22.88
N PRO A 75 2.15 -5.76 -23.62
CA PRO A 75 1.52 -5.83 -24.93
C PRO A 75 2.43 -6.59 -25.91
N GLY A 76 1.80 -7.16 -26.93
CA GLY A 76 2.50 -7.89 -28.02
C GLY A 76 2.82 -9.32 -27.66
N ARG A 77 2.50 -9.78 -26.44
CA ARG A 77 2.92 -11.11 -25.94
C ARG A 77 1.76 -12.10 -26.05
N TYR A 78 0.54 -11.68 -25.69
CA TYR A 78 -0.55 -12.64 -25.37
C TYR A 78 -1.78 -12.23 -26.16
N PRO A 79 -1.67 -12.10 -27.50
CA PRO A 79 -2.71 -11.45 -28.31
C PRO A 79 -4.07 -12.18 -28.28
N SER A 80 -4.10 -13.45 -27.94
CA SER A 80 -5.36 -14.25 -27.94
C SER A 80 -6.28 -13.75 -26.84
N THR A 81 -5.72 -13.28 -25.71
CA THR A 81 -6.51 -12.72 -24.60
C THR A 81 -7.32 -11.50 -25.09
N GLU A 82 -6.87 -10.84 -26.17
CA GLU A 82 -7.41 -9.51 -26.57
C GLU A 82 -8.82 -9.67 -27.16
N VAL A 83 -9.22 -10.91 -27.48
CA VAL A 83 -10.61 -11.22 -27.96
C VAL A 83 -11.61 -10.75 -26.90
N PHE A 84 -11.25 -10.74 -25.61
CA PHE A 84 -12.15 -10.28 -24.50
C PHE A 84 -12.05 -8.77 -24.30
N GLU A 85 -11.08 -8.11 -24.94
CA GLU A 85 -10.84 -6.65 -24.75
C GLU A 85 -11.44 -5.84 -25.90
N LEU A 86 -12.03 -6.50 -26.91
CA LEU A 86 -12.70 -5.79 -28.01
C LEU A 86 -13.90 -5.03 -27.48
N PRO A 87 -14.21 -3.84 -28.06
CA PRO A 87 -15.23 -2.95 -27.52
C PRO A 87 -16.64 -3.60 -27.60
N PHE A 88 -17.41 -3.43 -26.53
CA PHE A 88 -18.82 -3.85 -26.43
C PHE A 88 -18.92 -5.34 -26.73
N MET A 89 -17.94 -6.11 -26.25
CA MET A 89 -17.84 -7.58 -26.47
C MET A 89 -18.59 -8.35 -25.38
N VAL A 90 -18.48 -7.91 -24.12
CA VAL A 90 -18.84 -8.68 -22.90
C VAL A 90 -20.05 -8.05 -22.19
N SER A 91 -21.06 -8.88 -21.88
CA SER A 91 -22.31 -8.54 -21.13
C SER A 91 -22.29 -9.09 -19.70
N ASP A 92 -21.41 -10.05 -19.39
CA ASP A 92 -21.42 -10.80 -18.10
C ASP A 92 -20.00 -11.32 -17.86
N ALA A 93 -19.36 -10.76 -16.84
CA ALA A 93 -17.95 -11.04 -16.49
C ALA A 93 -17.81 -12.52 -16.13
N ARG A 94 -18.83 -13.15 -15.53
CA ARG A 94 -18.74 -14.61 -15.24
C ARG A 94 -18.72 -15.42 -16.54
N ALA A 95 -19.67 -15.16 -17.44
CA ALA A 95 -19.71 -15.78 -18.80
C ALA A 95 -18.35 -15.59 -19.50
N ALA A 96 -17.81 -14.39 -19.54
CA ALA A 96 -16.53 -14.11 -20.25
C ALA A 96 -15.38 -14.86 -19.58
N SER A 97 -15.36 -14.95 -18.25
CA SER A 97 -14.27 -15.61 -17.50
C SER A 97 -14.32 -17.13 -17.78
N TYR A 98 -15.54 -17.68 -17.85
CA TYR A 98 -15.78 -19.07 -18.30
C TYR A 98 -15.22 -19.28 -19.73
N ALA A 99 -15.62 -18.44 -20.67
CA ALA A 99 -15.13 -18.50 -22.07
C ALA A 99 -13.61 -18.37 -22.08
N TYR A 100 -13.09 -17.44 -21.26
CA TYR A 100 -11.63 -17.12 -21.23
C TYR A 100 -10.87 -18.39 -20.77
N TRP A 101 -11.32 -19.08 -19.71
CA TRP A 101 -10.65 -20.33 -19.28
C TRP A 101 -10.65 -21.40 -20.39
N LYS A 102 -11.81 -21.65 -21.01
CA LYS A 102 -11.90 -22.68 -22.09
C LYS A 102 -10.93 -22.35 -23.21
N MET A 103 -10.87 -21.07 -23.59
CA MET A 103 -10.11 -20.64 -24.80
C MET A 103 -8.63 -20.62 -24.44
N PHE A 104 -8.31 -20.24 -23.20
CA PHE A 104 -6.94 -20.32 -22.66
C PHE A 104 -6.42 -21.74 -22.87
N GLU A 105 -7.23 -22.73 -22.46
CA GLU A 105 -6.81 -24.14 -22.45
C GLU A 105 -6.67 -24.64 -23.89
N GLU A 106 -7.60 -24.27 -24.77
CA GLU A 106 -7.65 -24.72 -26.18
C GLU A 106 -6.51 -24.05 -26.99
N HIS A 107 -6.31 -22.74 -26.86
CA HIS A 107 -5.50 -21.94 -27.83
C HIS A 107 -4.15 -21.49 -27.22
N MET A 108 -4.08 -21.26 -25.91
CA MET A 108 -3.07 -20.33 -25.35
C MET A 108 -2.07 -21.06 -24.43
N LYS A 109 -2.52 -22.11 -23.74
CA LYS A 109 -1.76 -22.79 -22.65
C LYS A 109 -0.41 -23.28 -23.16
N ASP A 110 -0.36 -23.88 -24.34
CA ASP A 110 0.88 -24.52 -24.87
C ASP A 110 1.51 -23.63 -25.94
N GLY A 111 1.00 -22.42 -26.11
CA GLY A 111 1.49 -21.49 -27.13
C GLY A 111 2.01 -20.22 -26.49
N GLU A 112 1.20 -19.16 -26.52
CA GLU A 112 1.65 -17.83 -26.03
C GLU A 112 1.96 -17.87 -24.53
N PHE A 113 1.34 -18.76 -23.73
CA PHE A 113 1.55 -18.86 -22.26
C PHE A 113 2.46 -20.05 -21.87
N ALA A 114 3.15 -20.70 -22.82
CA ALA A 114 3.98 -21.90 -22.54
C ALA A 114 4.98 -21.70 -21.40
N ASP A 115 5.53 -20.48 -21.21
CA ASP A 115 6.64 -20.20 -20.26
C ASP A 115 6.16 -20.09 -18.80
N VAL A 116 4.86 -20.23 -18.56
CA VAL A 116 4.29 -19.99 -17.20
C VAL A 116 3.12 -20.96 -16.97
N LYS A 117 2.86 -21.25 -15.70
CA LYS A 117 1.68 -22.01 -15.22
C LYS A 117 0.56 -21.00 -14.96
N ILE A 118 -0.54 -21.14 -15.66
CA ILE A 118 -1.70 -20.22 -15.55
C ILE A 118 -2.73 -20.91 -14.65
N LEU A 119 -3.07 -20.24 -13.54
CA LEU A 119 -3.95 -20.76 -12.46
C LEU A 119 -5.38 -20.19 -12.60
N GLY A 120 -5.53 -19.02 -13.23
CA GLY A 120 -6.85 -18.39 -13.40
C GLY A 120 -6.81 -17.31 -14.47
N THR A 121 -7.89 -17.22 -15.22
CA THR A 121 -8.13 -16.27 -16.33
C THR A 121 -9.46 -15.52 -16.09
N TRP A 122 -9.48 -14.21 -15.94
CA TRP A 122 -10.77 -13.49 -15.76
C TRP A 122 -10.70 -12.06 -16.27
N VAL A 123 -11.87 -11.42 -16.35
CA VAL A 123 -12.06 -10.01 -16.73
C VAL A 123 -12.73 -9.34 -15.54
N HIS A 124 -12.55 -8.03 -15.41
CA HIS A 124 -13.30 -7.19 -14.45
C HIS A 124 -14.69 -6.85 -15.01
N GLY A 125 -15.48 -6.16 -14.18
CA GLY A 125 -16.79 -5.58 -14.53
C GLY A 125 -16.65 -4.56 -15.65
N PRO A 126 -17.75 -3.91 -16.06
CA PRO A 126 -17.67 -2.94 -17.15
C PRO A 126 -16.65 -1.80 -16.92
N GLY A 127 -15.69 -1.66 -17.84
CA GLY A 127 -14.79 -0.50 -17.87
C GLY A 127 -15.53 0.74 -18.28
N MET A 128 -15.18 1.87 -17.70
CA MET A 128 -15.99 3.09 -17.86
C MET A 128 -15.10 4.28 -17.53
N PHE A 129 -15.64 5.49 -17.65
CA PHE A 129 -14.84 6.72 -17.54
C PHE A 129 -15.07 7.35 -16.17
N HIS A 130 -14.04 8.04 -15.72
CA HIS A 130 -14.04 8.86 -14.50
C HIS A 130 -13.21 10.11 -14.81
N THR A 131 -13.82 11.29 -14.80
CA THR A 131 -13.28 12.50 -15.48
C THR A 131 -13.49 13.75 -14.64
N ASN A 132 -12.65 14.76 -14.86
CA ASN A 132 -12.68 16.05 -14.13
C ASN A 132 -13.88 16.87 -14.65
N LYS A 133 -14.40 16.54 -15.83
CA LYS A 133 -15.56 17.26 -16.45
C LYS A 133 -16.59 16.24 -16.90
N PRO A 134 -17.90 16.60 -16.93
CA PRO A 134 -18.94 15.66 -17.37
C PRO A 134 -18.72 15.20 -18.82
N VAL A 135 -18.93 13.91 -19.05
CA VAL A 135 -18.83 13.23 -20.38
C VAL A 135 -20.15 12.50 -20.63
N ALA A 136 -20.84 12.86 -21.70
CA ALA A 136 -22.12 12.26 -22.16
C ALA A 136 -21.96 11.70 -23.56
N VAL A 137 -21.19 12.36 -24.44
CA VAL A 137 -21.01 11.86 -25.83
C VAL A 137 -19.52 11.83 -26.17
N PRO A 138 -19.10 11.05 -27.20
CA PRO A 138 -17.67 10.93 -27.50
C PRO A 138 -16.93 12.27 -27.68
N SER A 139 -17.59 13.31 -28.20
CA SER A 139 -16.95 14.61 -28.50
C SER A 139 -16.56 15.30 -27.19
N ASP A 140 -17.22 14.99 -26.08
CA ASP A 140 -16.84 15.52 -24.75
C ASP A 140 -15.40 15.10 -24.35
N LEU A 141 -14.87 14.03 -24.93
CA LEU A 141 -13.52 13.54 -24.56
C LEU A 141 -12.45 14.28 -25.37
N GLU A 142 -12.84 15.11 -26.34
CA GLU A 142 -11.83 15.75 -27.24
C GLU A 142 -10.95 16.65 -26.38
N GLY A 143 -9.63 16.48 -26.53
CA GLY A 143 -8.61 17.23 -25.76
C GLY A 143 -8.54 16.81 -24.31
N MET A 144 -9.10 15.66 -23.92
CA MET A 144 -8.91 15.13 -22.54
C MET A 144 -7.79 14.07 -22.58
N LYS A 145 -6.89 14.14 -21.60
CA LYS A 145 -5.85 13.11 -21.35
C LYS A 145 -6.53 12.01 -20.51
N ILE A 146 -6.74 10.84 -21.09
CA ILE A 146 -7.41 9.70 -20.40
C ILE A 146 -6.41 8.54 -20.25
N ARG A 147 -6.24 8.09 -19.02
CA ARG A 147 -5.45 6.89 -18.64
C ARG A 147 -6.04 5.61 -19.23
N GLY A 148 -5.22 4.77 -19.90
CA GLY A 148 -5.53 3.42 -20.37
C GLY A 148 -4.50 2.41 -19.89
N GLY A 149 -4.93 1.16 -19.73
CA GLY A 149 -4.11 0.03 -19.22
C GLY A 149 -3.79 -1.05 -20.25
N SER A 150 -4.28 -0.95 -21.49
CA SER A 150 -3.94 -1.91 -22.58
C SER A 150 -3.84 -1.22 -23.93
N ARG A 151 -3.19 -1.88 -24.87
CA ARG A 151 -3.06 -1.34 -26.25
C ARG A 151 -4.45 -1.20 -26.92
N LEU A 152 -5.38 -2.13 -26.69
CA LEU A 152 -6.74 -2.03 -27.29
C LEU A 152 -7.54 -0.90 -26.63
N VAL A 153 -7.31 -0.61 -25.36
CA VAL A 153 -8.00 0.50 -24.66
C VAL A 153 -7.41 1.83 -25.15
N ASN A 154 -6.10 1.88 -25.39
CA ASN A 154 -5.45 3.08 -25.98
C ASN A 154 -6.01 3.31 -27.40
N ASP A 155 -6.24 2.25 -28.18
CA ASP A 155 -6.87 2.35 -29.54
C ASP A 155 -8.27 2.96 -29.42
N LEU A 156 -9.08 2.41 -28.51
CA LEU A 156 -10.48 2.82 -28.25
C LEU A 156 -10.48 4.32 -27.92
N LEU A 157 -9.58 4.73 -27.03
CA LEU A 157 -9.51 6.10 -26.50
C LEU A 157 -9.13 7.06 -27.63
N THR A 158 -8.16 6.69 -28.47
CA THR A 158 -7.74 7.51 -29.63
C THR A 158 -8.96 7.72 -30.54
N ARG A 159 -9.74 6.68 -30.78
CA ARG A 159 -10.82 6.70 -31.80
C ARG A 159 -12.00 7.55 -31.34
N VAL A 160 -12.18 7.73 -30.02
CA VAL A 160 -13.26 8.60 -29.47
C VAL A 160 -12.78 10.04 -29.26
N GLY A 161 -11.51 10.33 -29.58
CA GLY A 161 -10.95 11.70 -29.59
C GLY A 161 -10.19 12.05 -28.29
N ALA A 162 -9.99 11.09 -27.39
CA ALA A 162 -9.13 11.27 -26.19
C ALA A 162 -7.64 11.23 -26.56
N GLU A 163 -6.80 11.79 -25.71
CA GLU A 163 -5.34 11.58 -25.77
C GLU A 163 -5.04 10.47 -24.76
N PRO A 164 -4.73 9.23 -25.19
CA PRO A 164 -4.50 8.15 -24.23
C PRO A 164 -3.15 8.31 -23.52
N ILE A 165 -3.13 8.19 -22.19
CA ILE A 165 -1.89 8.08 -21.36
C ILE A 165 -1.79 6.65 -20.81
N GLY A 166 -0.81 5.85 -21.25
CA GLY A 166 -0.65 4.46 -20.75
C GLY A 166 0.06 4.45 -19.40
N MET A 167 -0.54 3.91 -18.34
CA MET A 167 0.18 3.75 -17.05
C MET A 167 -0.48 2.65 -16.22
N PRO A 168 0.26 2.09 -15.25
CA PRO A 168 -0.25 0.97 -14.44
C PRO A 168 -1.29 1.60 -13.52
N VAL A 169 -2.28 0.82 -13.09
CA VAL A 169 -3.51 1.35 -12.42
C VAL A 169 -3.15 2.04 -11.10
N PRO A 170 -2.17 1.60 -10.29
CA PRO A 170 -1.89 2.28 -9.03
C PRO A 170 -1.42 3.74 -9.18
N ALA A 171 -0.85 4.12 -10.33
CA ALA A 171 -0.31 5.48 -10.59
C ALA A 171 -1.43 6.52 -10.80
N ILE A 172 -2.65 6.07 -11.03
CA ILE A 172 -3.81 6.95 -11.40
C ILE A 172 -4.01 8.08 -10.39
N SER A 173 -3.97 7.73 -9.10
CA SER A 173 -4.25 8.66 -7.99
C SER A 173 -3.33 9.89 -8.08
N GLU A 174 -2.02 9.65 -8.12
CA GLU A 174 -0.99 10.70 -8.25
C GLU A 174 -1.22 11.46 -9.56
N ALA A 175 -1.40 10.74 -10.68
CA ALA A 175 -1.64 11.32 -12.03
C ALA A 175 -2.86 12.26 -11.99
N LEU A 176 -4.00 11.86 -11.40
CA LEU A 176 -5.20 12.74 -11.24
C LEU A 176 -4.87 13.94 -10.35
N SER A 177 -4.23 13.72 -9.19
CA SER A 177 -3.96 14.76 -8.17
C SER A 177 -3.08 15.88 -8.74
N LYS A 178 -2.15 15.51 -9.61
CA LYS A 178 -1.13 16.44 -10.17
C LYS A 178 -1.61 17.03 -11.49
N GLY A 179 -2.73 16.55 -12.03
CA GLY A 179 -3.32 17.02 -13.31
C GLY A 179 -2.53 16.55 -14.51
N VAL A 180 -1.80 15.44 -14.39
CA VAL A 180 -1.13 14.73 -15.52
C VAL A 180 -2.18 14.10 -16.42
N ILE A 181 -3.30 13.66 -15.85
CA ILE A 181 -4.43 13.11 -16.66
C ILE A 181 -5.69 13.88 -16.26
N ASP A 182 -6.69 13.93 -17.16
CA ASP A 182 -7.97 14.63 -16.93
C ASP A 182 -9.01 13.63 -16.43
N GLY A 183 -8.69 12.35 -16.50
CA GLY A 183 -9.61 11.26 -16.16
C GLY A 183 -9.01 9.91 -16.50
N THR A 184 -9.71 8.83 -16.19
CA THR A 184 -9.20 7.45 -16.35
C THR A 184 -10.32 6.52 -16.77
N THR A 185 -9.95 5.44 -17.45
CA THR A 185 -10.73 4.18 -17.57
C THR A 185 -10.43 3.33 -16.33
N ILE A 186 -11.46 2.74 -15.76
CA ILE A 186 -11.38 1.58 -14.83
C ILE A 186 -12.81 1.11 -14.65
N PRO A 187 -13.02 -0.11 -14.13
CA PRO A 187 -14.34 -0.50 -13.65
C PRO A 187 -14.62 0.24 -12.32
N TRP A 188 -15.86 0.22 -11.84
CA TRP A 188 -16.22 0.82 -10.52
C TRP A 188 -15.38 0.23 -9.39
N GLU A 189 -15.17 -1.09 -9.35
CA GLU A 189 -14.84 -1.76 -8.06
C GLU A 189 -13.56 -1.13 -7.49
N VAL A 190 -12.60 -0.82 -8.36
CA VAL A 190 -11.24 -0.38 -7.92
C VAL A 190 -11.18 1.12 -7.70
N THR A 191 -12.20 1.89 -8.06
CA THR A 191 -12.20 3.37 -7.82
C THR A 191 -11.94 3.67 -6.34
N SER A 192 -12.56 2.94 -5.41
CA SER A 192 -12.49 3.18 -3.94
C SER A 192 -11.01 3.16 -3.49
N ALA A 193 -10.30 2.05 -3.72
CA ALA A 193 -8.88 1.90 -3.33
C ALA A 193 -8.02 3.00 -3.97
N LEU A 194 -8.35 3.50 -5.16
CA LEU A 194 -7.55 4.54 -5.87
C LEU A 194 -8.03 5.97 -5.55
N LYS A 195 -8.92 6.14 -4.58
CA LYS A 195 -9.47 7.48 -4.16
C LYS A 195 -10.01 8.22 -5.40
N VAL A 196 -10.55 7.49 -6.39
CA VAL A 196 -11.05 8.15 -7.64
C VAL A 196 -12.27 9.03 -7.34
N PRO A 197 -13.28 8.60 -6.54
CA PRO A 197 -14.44 9.44 -6.27
C PRO A 197 -14.07 10.75 -5.57
N GLU A 198 -13.00 10.71 -4.77
CA GLU A 198 -12.42 11.90 -4.09
C GLU A 198 -11.77 12.87 -5.08
N LEU A 199 -11.08 12.36 -6.08
CA LEU A 199 -10.19 13.15 -6.95
C LEU A 199 -10.94 13.65 -8.20
N VAL A 200 -12.06 13.03 -8.59
CA VAL A 200 -12.89 13.50 -9.74
C VAL A 200 -14.37 13.48 -9.35
N GLY A 201 -15.19 14.35 -9.97
CA GLY A 201 -16.62 14.50 -9.64
C GLY A 201 -17.56 13.97 -10.72
N ASN A 202 -17.08 13.22 -11.72
CA ASN A 202 -17.88 12.81 -12.90
C ASN A 202 -17.50 11.39 -13.34
N HIS A 203 -18.49 10.66 -13.85
CA HIS A 203 -18.38 9.24 -14.21
C HIS A 203 -19.34 8.98 -15.37
N THR A 204 -18.91 8.18 -16.33
CA THR A 204 -19.73 7.80 -17.51
C THR A 204 -19.74 6.28 -17.64
N GLU A 205 -20.89 5.65 -17.39
CA GLU A 205 -21.07 4.18 -17.46
C GLU A 205 -22.02 3.92 -18.63
N PHE A 206 -22.20 2.65 -18.99
CA PHE A 206 -22.91 2.21 -20.21
C PHE A 206 -23.85 1.05 -19.87
N ASP A 207 -25.13 1.14 -20.27
CA ASP A 207 -26.11 0.04 -20.23
C ASP A 207 -25.80 -0.92 -21.39
N GLY A 208 -26.15 -2.19 -21.20
CA GLY A 208 -25.87 -3.31 -22.10
C GLY A 208 -24.42 -3.76 -22.01
N PRO A 209 -23.84 -4.19 -23.14
CA PRO A 209 -22.46 -4.64 -23.17
C PRO A 209 -21.47 -3.60 -22.63
N ALA A 210 -20.41 -4.07 -21.97
CA ALA A 210 -19.34 -3.22 -21.43
C ALA A 210 -18.57 -2.56 -22.57
N LEU A 211 -18.32 -1.25 -22.47
CA LEU A 211 -17.42 -0.51 -23.39
C LEU A 211 -16.15 -1.35 -23.64
N TYR A 212 -15.45 -1.75 -22.58
CA TYR A 212 -14.34 -2.74 -22.64
C TYR A 212 -14.23 -3.44 -21.28
N ASN A 213 -13.43 -4.50 -21.21
CA ASN A 213 -12.85 -4.96 -19.91
C ASN A 213 -11.47 -5.59 -20.15
N LEU A 214 -10.57 -5.45 -19.19
CA LEU A 214 -9.20 -6.00 -19.31
C LEU A 214 -9.20 -7.45 -18.84
N THR A 215 -8.33 -8.25 -19.45
CA THR A 215 -8.00 -9.65 -19.02
C THR A 215 -6.94 -9.60 -17.90
N PHE A 216 -7.03 -10.52 -16.96
CA PHE A 216 -6.01 -10.82 -15.93
C PHE A 216 -5.55 -12.27 -16.04
N VAL A 217 -4.41 -12.58 -15.42
CA VAL A 217 -4.08 -13.99 -15.07
C VAL A 217 -3.66 -14.05 -13.60
N LEU A 218 -3.91 -15.18 -12.95
CA LEU A 218 -3.08 -15.63 -11.82
C LEU A 218 -2.12 -16.68 -12.38
N ALA A 219 -0.82 -16.44 -12.24
CA ALA A 219 0.26 -17.18 -12.93
C ALA A 219 1.32 -17.61 -11.92
N MET A 220 1.97 -18.71 -12.22
CA MET A 220 2.90 -19.35 -11.27
C MET A 220 4.13 -19.79 -12.05
N ASN A 221 5.27 -19.61 -11.41
CA ASN A 221 6.60 -20.06 -11.87
C ASN A 221 6.49 -21.58 -12.14
N LYS A 222 6.84 -22.03 -13.34
CA LYS A 222 6.72 -23.45 -13.79
C LYS A 222 7.55 -24.36 -12.89
N ASP A 223 8.80 -24.00 -12.61
CA ASP A 223 9.74 -24.77 -11.76
C ASP A 223 9.17 -24.95 -10.36
N ALA A 224 8.62 -23.89 -9.76
CA ALA A 224 8.04 -23.91 -8.40
C ALA A 224 6.90 -24.92 -8.38
N TYR A 225 6.11 -25.01 -9.47
CA TYR A 225 4.94 -25.92 -9.55
C TYR A 225 5.43 -27.34 -9.80
N GLU A 226 6.17 -27.54 -10.90
CA GLU A 226 6.68 -28.86 -11.36
C GLU A 226 7.44 -29.56 -10.24
N SER A 227 8.20 -28.83 -9.40
CA SER A 227 9.06 -29.41 -8.34
C SER A 227 8.26 -29.71 -7.06
N LEU A 228 6.97 -29.37 -6.97
CA LEU A 228 6.11 -29.84 -5.85
C LEU A 228 5.92 -31.34 -6.00
N PRO A 229 5.69 -32.11 -4.92
CA PRO A 229 5.26 -33.51 -5.09
C PRO A 229 3.91 -33.52 -5.84
N GLU A 230 3.56 -34.63 -6.46
CA GLU A 230 2.39 -34.73 -7.40
C GLU A 230 1.07 -34.50 -6.67
N ASP A 231 0.98 -34.93 -5.41
CA ASP A 231 -0.25 -34.75 -4.59
C ASP A 231 -0.41 -33.26 -4.26
N LEU A 232 0.68 -32.52 -4.06
CA LEU A 232 0.64 -31.05 -3.79
C LEU A 232 0.38 -30.30 -5.10
N GLN A 233 0.85 -30.79 -6.24
CA GLN A 233 0.46 -30.28 -7.58
C GLN A 233 -1.05 -30.41 -7.74
N GLU A 234 -1.60 -31.60 -7.47
CA GLU A 234 -3.06 -31.86 -7.54
C GLU A 234 -3.83 -30.92 -6.60
N VAL A 235 -3.27 -30.51 -5.45
CA VAL A 235 -3.93 -29.51 -4.56
C VAL A 235 -4.04 -28.19 -5.33
N ILE A 236 -2.93 -27.67 -5.87
CA ILE A 236 -2.94 -26.36 -6.59
C ILE A 236 -3.99 -26.44 -7.70
N ASP A 237 -3.95 -27.47 -8.54
CA ASP A 237 -4.90 -27.64 -9.68
C ASP A 237 -6.36 -27.66 -9.15
N SER A 238 -6.64 -28.37 -8.05
CA SER A 238 -8.00 -28.55 -7.47
C SER A 238 -8.63 -27.21 -7.08
N GLN A 239 -7.82 -26.20 -6.71
CA GLN A 239 -8.30 -24.87 -6.24
C GLN A 239 -8.18 -23.85 -7.37
N SER A 240 -7.74 -24.27 -8.56
CA SER A 240 -7.42 -23.39 -9.71
C SER A 240 -8.27 -23.74 -10.93
N GLY A 241 -8.16 -22.95 -12.01
CA GLY A 241 -8.84 -23.19 -13.29
C GLY A 241 -10.25 -22.64 -13.40
N LEU A 242 -11.18 -23.47 -13.90
CA LEU A 242 -12.45 -22.99 -14.52
C LEU A 242 -13.36 -22.37 -13.45
N ALA A 243 -13.75 -23.16 -12.45
CA ALA A 243 -14.63 -22.65 -11.36
C ALA A 243 -13.95 -21.46 -10.67
N PHE A 244 -12.65 -21.52 -10.40
CA PHE A 244 -11.91 -20.37 -9.79
C PHE A 244 -12.04 -19.10 -10.66
N SER A 245 -11.80 -19.24 -11.97
CA SER A 245 -11.87 -18.14 -12.98
C SER A 245 -13.25 -17.47 -12.97
N ILE A 246 -14.33 -18.25 -12.97
CA ILE A 246 -15.73 -17.73 -12.94
C ILE A 246 -15.94 -16.94 -11.65
N PHE A 247 -15.50 -17.49 -10.53
CA PHE A 247 -15.59 -16.84 -9.19
C PHE A 247 -14.76 -15.54 -9.20
N ALA A 248 -13.58 -15.50 -9.82
CA ALA A 248 -12.70 -14.30 -9.74
C ALA A 248 -13.37 -13.12 -10.46
N GLY A 249 -13.85 -13.38 -11.68
CA GLY A 249 -14.57 -12.41 -12.53
C GLY A 249 -15.89 -11.99 -11.90
N GLY A 250 -16.65 -12.95 -11.34
CA GLY A 250 -17.95 -12.67 -10.67
C GLY A 250 -17.78 -11.86 -9.41
N THR A 251 -16.79 -12.22 -8.60
CA THR A 251 -16.51 -11.49 -7.35
C THR A 251 -16.10 -10.06 -7.71
N GLN A 252 -15.21 -9.90 -8.69
CA GLN A 252 -14.68 -8.56 -9.04
C GLN A 252 -15.80 -7.70 -9.63
N ALA A 253 -16.63 -8.30 -10.51
CA ALA A 253 -17.78 -7.61 -11.15
C ALA A 253 -18.77 -7.17 -10.04
N ASP A 254 -19.10 -8.07 -9.13
CA ASP A 254 -20.06 -7.81 -8.01
C ASP A 254 -19.58 -6.62 -7.18
N ALA A 255 -18.27 -6.39 -7.05
CA ALA A 255 -17.70 -5.29 -6.23
C ALA A 255 -17.94 -3.92 -6.89
N ASP A 256 -18.38 -3.88 -8.15
CA ASP A 256 -18.78 -2.60 -8.78
C ASP A 256 -19.89 -1.92 -7.93
N GLY A 257 -20.81 -2.68 -7.38
CA GLY A 257 -22.04 -2.12 -6.78
C GLY A 257 -21.71 -1.21 -5.61
N PRO A 258 -21.10 -1.75 -4.55
CA PRO A 258 -20.76 -0.94 -3.38
C PRO A 258 -19.87 0.26 -3.72
N ALA A 259 -19.00 0.14 -4.72
CA ALA A 259 -18.11 1.22 -5.21
C ALA A 259 -18.95 2.34 -5.84
N ARG A 260 -19.89 1.99 -6.73
CA ARG A 260 -20.76 2.97 -7.42
C ARG A 260 -21.55 3.74 -6.36
N GLN A 261 -22.07 3.00 -5.36
CA GLN A 261 -22.91 3.60 -4.28
C GLN A 261 -22.12 4.68 -3.54
N ILE A 262 -20.81 4.49 -3.31
CA ILE A 262 -19.93 5.54 -2.69
C ILE A 262 -19.96 6.82 -3.54
N ALA A 263 -19.81 6.70 -4.87
CA ALA A 263 -19.83 7.86 -5.79
C ALA A 263 -21.20 8.55 -5.74
N VAL A 264 -22.29 7.79 -5.72
CA VAL A 264 -23.69 8.32 -5.64
C VAL A 264 -23.77 9.15 -4.35
N ASP A 265 -23.40 8.56 -3.22
CA ASP A 265 -23.71 9.10 -1.87
C ASP A 265 -22.92 10.41 -1.63
N ARG A 266 -21.78 10.61 -2.26
CA ARG A 266 -20.99 11.86 -2.20
C ARG A 266 -21.56 12.97 -3.09
N GLY A 267 -22.54 12.68 -3.95
CA GLY A 267 -23.05 13.63 -4.98
C GLY A 267 -22.17 13.77 -6.21
N ASN A 268 -21.42 12.73 -6.63
CA ASN A 268 -20.69 12.79 -7.92
C ASN A 268 -21.75 12.69 -9.04
N ASN A 269 -21.52 13.33 -10.18
CA ASN A 269 -22.37 13.18 -11.38
C ASN A 269 -22.05 11.83 -12.03
N ILE A 270 -23.07 11.01 -12.26
CA ILE A 270 -22.94 9.75 -13.03
C ILE A 270 -23.82 9.87 -14.26
N VAL A 271 -23.22 9.85 -15.45
CA VAL A 271 -23.97 9.72 -16.72
C VAL A 271 -24.13 8.23 -17.02
N THR A 272 -25.37 7.77 -17.22
CA THR A 272 -25.67 6.39 -17.69
C THR A 272 -26.03 6.46 -19.17
N VAL A 273 -25.13 5.97 -20.04
CA VAL A 273 -25.33 5.99 -21.51
C VAL A 273 -26.31 4.84 -21.82
N SER A 274 -27.47 5.14 -22.41
CA SER A 274 -28.49 4.12 -22.78
C SER A 274 -27.93 3.19 -23.85
N GLN A 275 -28.51 2.01 -24.02
CA GLN A 275 -28.12 1.05 -25.09
C GLN A 275 -28.34 1.69 -26.47
N GLU A 276 -29.28 2.62 -26.57
CA GLU A 276 -29.55 3.39 -27.81
C GLU A 276 -28.42 4.39 -28.05
N ASP A 277 -28.02 5.15 -27.03
CA ASP A 277 -27.02 6.23 -27.19
C ASP A 277 -25.61 5.65 -27.29
N ALA A 278 -25.44 4.39 -26.85
CA ALA A 278 -24.17 3.65 -26.95
C ALA A 278 -23.80 3.46 -28.43
N LYS A 279 -24.79 3.43 -29.34
CA LYS A 279 -24.54 3.23 -30.80
C LYS A 279 -23.58 4.29 -31.36
N ALA A 280 -23.66 5.55 -30.92
CA ALA A 280 -22.74 6.65 -31.34
C ALA A 280 -21.29 6.33 -30.91
N TRP A 281 -21.12 5.70 -29.75
CA TRP A 281 -19.80 5.25 -29.23
C TRP A 281 -19.28 4.08 -30.07
N ASP A 282 -20.13 3.07 -30.29
CA ASP A 282 -19.85 1.85 -31.08
C ASP A 282 -19.39 2.22 -32.50
N ALA A 283 -20.00 3.25 -33.10
CA ALA A 283 -19.66 3.76 -34.45
C ALA A 283 -18.16 4.13 -34.50
N LEU A 284 -17.61 4.70 -33.44
CA LEU A 284 -16.19 5.16 -33.46
C LEU A 284 -15.25 4.02 -33.08
N VAL A 285 -15.70 3.02 -32.29
CA VAL A 285 -14.74 2.03 -31.70
C VAL A 285 -14.83 0.68 -32.41
N ASN A 286 -15.94 0.35 -33.09
CA ASN A 286 -16.10 -1.01 -33.64
C ASN A 286 -15.12 -1.26 -34.79
N PRO A 287 -14.48 -0.28 -35.47
CA PRO A 287 -13.44 -0.63 -36.45
C PRO A 287 -12.25 -1.44 -35.89
N ILE A 288 -12.06 -1.42 -34.58
CA ILE A 288 -11.03 -2.24 -33.88
C ILE A 288 -11.22 -3.73 -34.17
N TYR A 289 -12.48 -4.18 -34.30
CA TYR A 289 -12.81 -5.59 -34.66
C TYR A 289 -12.05 -5.94 -35.95
N GLU A 290 -12.17 -5.09 -36.98
CA GLU A 290 -11.62 -5.38 -38.34
C GLU A 290 -10.08 -5.35 -38.32
N THR A 291 -9.49 -4.34 -37.66
CA THR A 291 -8.01 -4.19 -37.59
C THR A 291 -7.46 -5.34 -36.75
N TRP A 292 -8.08 -5.66 -35.62
CA TRP A 292 -7.57 -6.74 -34.76
C TRP A 292 -7.58 -8.07 -35.51
N VAL A 293 -8.68 -8.38 -36.21
CA VAL A 293 -8.82 -9.64 -36.99
C VAL A 293 -7.70 -9.67 -38.05
N ALA A 294 -7.40 -8.53 -38.67
CA ALA A 294 -6.41 -8.46 -39.76
C ALA A 294 -5.01 -8.74 -39.20
N GLU A 295 -4.67 -8.12 -38.05
CA GLU A 295 -3.40 -8.35 -37.32
C GLU A 295 -3.26 -9.84 -36.99
N MET A 296 -4.28 -10.46 -36.40
CA MET A 296 -4.25 -11.93 -36.13
C MET A 296 -4.05 -12.73 -37.43
N ASN A 297 -4.82 -12.44 -38.49
CA ASN A 297 -4.69 -13.12 -39.82
C ASN A 297 -3.25 -12.99 -40.35
N ASP A 298 -2.64 -11.81 -40.25
CA ASP A 298 -1.23 -11.59 -40.70
C ASP A 298 -0.30 -12.60 -39.98
N LYS A 299 -0.58 -12.95 -38.71
CA LYS A 299 0.22 -13.90 -37.89
C LYS A 299 -0.32 -15.33 -38.02
N GLY A 300 -1.24 -15.58 -38.95
CA GLY A 300 -1.77 -16.92 -39.27
C GLY A 300 -2.78 -17.41 -38.24
N ILE A 301 -3.44 -16.48 -37.53
CA ILE A 301 -4.46 -16.79 -36.50
C ILE A 301 -5.82 -16.34 -37.06
N ASP A 302 -6.79 -17.23 -37.00
CA ASP A 302 -8.20 -16.97 -37.41
C ASP A 302 -8.86 -16.12 -36.32
N GLY A 303 -8.63 -14.80 -36.34
CA GLY A 303 -9.19 -13.86 -35.36
C GLY A 303 -10.70 -13.96 -35.29
N GLN A 304 -11.37 -14.09 -36.43
CA GLN A 304 -12.86 -14.10 -36.46
C GLN A 304 -13.39 -15.37 -35.79
N ALA A 305 -12.74 -16.51 -36.02
CA ALA A 305 -13.08 -17.77 -35.32
C ALA A 305 -12.88 -17.60 -33.81
N LEU A 306 -11.87 -16.84 -33.37
CA LEU A 306 -11.67 -16.61 -31.92
C LEU A 306 -12.86 -15.79 -31.42
N ILE A 307 -13.23 -14.69 -32.10
CA ILE A 307 -14.42 -13.86 -31.75
C ILE A 307 -15.66 -14.78 -31.70
N ASP A 308 -15.86 -15.60 -32.73
CA ASP A 308 -17.10 -16.43 -32.83
C ASP A 308 -17.15 -17.40 -31.64
N GLU A 309 -16.02 -18.03 -31.32
CA GLU A 309 -15.93 -19.07 -30.26
C GLU A 309 -16.16 -18.40 -28.90
N ALA A 310 -15.69 -17.18 -28.70
CA ALA A 310 -15.89 -16.40 -27.44
C ALA A 310 -17.38 -16.14 -27.23
N LYS A 311 -18.08 -15.70 -28.28
CA LYS A 311 -19.54 -15.43 -28.23
C LYS A 311 -20.29 -16.72 -27.90
N SER A 312 -19.94 -17.82 -28.57
CA SER A 312 -20.58 -19.15 -28.41
C SER A 312 -20.39 -19.66 -26.98
N LEU A 313 -19.20 -19.50 -26.43
CA LEU A 313 -18.90 -19.97 -25.06
C LEU A 313 -19.63 -19.08 -24.08
N MET A 314 -19.68 -17.76 -24.30
CA MET A 314 -20.35 -16.86 -23.34
C MET A 314 -21.84 -17.18 -23.32
N GLU A 315 -22.44 -17.48 -24.47
CA GLU A 315 -23.87 -17.88 -24.59
C GLU A 315 -24.13 -19.19 -23.83
N GLU A 316 -23.22 -20.16 -23.91
CA GLU A 316 -23.32 -21.51 -23.30
C GLU A 316 -23.11 -21.45 -21.76
N TYR A 317 -22.56 -20.38 -21.20
CA TYR A 317 -22.41 -20.27 -19.73
C TYR A 317 -23.79 -20.21 -19.05
N ASP A 318 -23.93 -20.91 -17.93
CA ASP A 318 -25.17 -20.98 -17.11
C ASP A 318 -24.78 -20.72 -15.65
N PRO A 319 -25.52 -19.91 -14.85
CA PRO A 319 -25.13 -19.62 -13.46
C PRO A 319 -24.91 -20.81 -12.52
N SER A 320 -25.34 -22.02 -12.89
CA SER A 320 -25.13 -23.29 -12.15
C SER A 320 -23.67 -23.73 -12.22
N MET A 321 -22.88 -23.16 -13.14
CA MET A 321 -21.41 -23.45 -13.24
C MET A 321 -20.62 -22.63 -12.22
N ASP A 322 -21.23 -21.62 -11.58
CA ASP A 322 -20.52 -20.77 -10.58
C ASP A 322 -20.56 -21.46 -9.21
N THR A 323 -19.66 -22.41 -9.00
CA THR A 323 -19.67 -23.32 -7.82
C THR A 323 -18.52 -23.04 -6.85
N TYR A 324 -17.55 -22.18 -7.18
CA TYR A 324 -16.30 -22.01 -6.37
C TYR A 324 -16.63 -21.49 -4.97
N GLY A 325 -16.02 -22.10 -3.94
CA GLY A 325 -16.13 -21.65 -2.54
C GLY A 325 -14.96 -22.11 -1.70
N LYS A 326 -15.15 -22.21 -0.39
CA LYS A 326 -14.11 -22.63 0.60
C LYS A 326 -13.93 -24.16 0.56
N ALA A 327 -12.68 -24.61 0.53
CA ALA A 327 -12.27 -25.99 0.20
C ALA A 327 -12.27 -26.84 1.46
N ALA A 328 -12.40 -28.15 1.27
CA ALA A 328 -12.19 -29.20 2.29
C ALA A 328 -10.67 -29.47 2.35
N ALA A 329 -10.18 -30.00 3.47
CA ALA A 329 -8.76 -30.35 3.74
C ALA A 329 -8.54 -31.86 3.57
N GLN B 2 -20.72 18.55 6.07
CA GLN B 2 -19.81 18.94 4.95
C GLN B 2 -19.64 20.48 4.97
N GLU B 3 -18.42 20.95 5.20
CA GLU B 3 -18.02 22.38 5.14
C GLU B 3 -16.61 22.46 4.52
N VAL B 4 -15.64 21.83 5.18
CA VAL B 4 -14.19 21.82 4.80
C VAL B 4 -13.73 20.37 4.67
N THR B 5 -13.06 20.04 3.56
CA THR B 5 -12.37 18.74 3.35
C THR B 5 -10.87 18.96 3.54
N LEU B 6 -10.23 18.14 4.40
CA LEU B 6 -8.76 18.19 4.65
C LEU B 6 -8.13 16.86 4.20
N THR B 7 -6.97 16.92 3.53
CA THR B 7 -6.25 15.70 3.05
C THR B 7 -5.15 15.35 4.07
N LEU B 8 -5.03 14.06 4.38
CA LEU B 8 -3.95 13.50 5.23
C LEU B 8 -3.11 12.54 4.39
N HIS B 9 -1.82 12.78 4.30
CA HIS B 9 -0.84 11.93 3.57
C HIS B 9 0.09 11.25 4.57
N GLN B 10 0.31 9.93 4.44
CA GLN B 10 1.35 9.24 5.26
C GLN B 10 1.98 8.12 4.42
N PHE B 11 2.93 7.35 4.98
CA PHE B 11 3.90 6.51 4.21
C PHE B 11 3.69 4.99 4.42
N LEU B 12 2.80 4.58 5.32
CA LEU B 12 2.53 3.13 5.52
C LEU B 12 1.14 2.77 5.00
N PRO B 13 0.87 1.45 4.78
CA PRO B 13 -0.44 0.96 4.41
C PRO B 13 -1.55 1.34 5.39
N ALA B 14 -2.77 1.40 4.86
CA ALA B 14 -4.01 1.76 5.61
C ALA B 14 -4.14 0.85 6.83
N GLN B 15 -3.80 -0.43 6.69
CA GLN B 15 -4.05 -1.47 7.72
C GLN B 15 -2.88 -1.53 8.73
N ALA B 16 -1.80 -0.77 8.54
CA ALA B 16 -0.66 -0.69 9.48
C ALA B 16 -1.14 -0.08 10.82
N ASN B 17 -0.34 -0.22 11.88
CA ASN B 17 -0.80 0.05 13.28
C ASN B 17 -1.07 1.53 13.48
N VAL B 18 -0.11 2.41 13.21
CA VAL B 18 -0.27 3.86 13.45
C VAL B 18 -1.42 4.37 12.58
N PRO B 19 -1.38 4.17 11.24
CA PRO B 19 -2.48 4.63 10.40
C PRO B 19 -3.85 4.18 10.91
N LYS B 20 -4.02 2.92 11.33
CA LYS B 20 -5.37 2.40 11.73
C LYS B 20 -5.75 2.84 13.15
N ASP B 21 -4.84 2.78 14.13
CA ASP B 21 -5.18 2.83 15.58
C ASP B 21 -4.83 4.19 16.19
N VAL B 22 -4.13 5.05 15.47
CA VAL B 22 -3.79 6.44 15.90
C VAL B 22 -4.38 7.44 14.91
N LEU B 23 -4.02 7.37 13.63
CA LEU B 23 -4.36 8.44 12.64
C LEU B 23 -5.84 8.38 12.31
N ASP B 24 -6.37 7.19 11.98
CA ASP B 24 -7.82 7.02 11.68
C ASP B 24 -8.64 7.31 12.95
N VAL B 25 -8.11 7.05 14.15
CA VAL B 25 -8.85 7.29 15.44
C VAL B 25 -8.95 8.80 15.67
N TRP B 26 -7.84 9.49 15.47
CA TRP B 26 -7.72 10.98 15.48
C TRP B 26 -8.72 11.61 14.51
N ALA B 27 -8.55 11.35 13.21
CA ALA B 27 -9.39 11.94 12.14
C ALA B 27 -10.88 11.69 12.46
N ASP B 28 -11.24 10.47 12.85
CA ASP B 28 -12.64 10.09 13.22
C ASP B 28 -13.12 10.96 14.41
N ASN B 29 -12.24 11.30 15.35
CA ASN B 29 -12.56 12.07 16.59
C ASN B 29 -12.74 13.55 16.24
N VAL B 30 -11.97 14.05 15.27
CA VAL B 30 -12.12 15.43 14.75
C VAL B 30 -13.44 15.53 13.98
N GLU B 31 -13.77 14.53 13.16
CA GLU B 31 -14.99 14.53 12.29
C GLU B 31 -16.25 14.49 13.16
N GLU B 32 -16.26 13.70 14.23
CA GLU B 32 -17.40 13.56 15.18
C GLU B 32 -17.56 14.84 16.01
N ALA B 33 -16.45 15.41 16.51
CA ALA B 33 -16.40 16.63 17.36
C ALA B 33 -16.91 17.84 16.57
N SER B 34 -16.65 17.88 15.27
CA SER B 34 -17.05 18.96 14.33
C SER B 34 -18.56 18.90 14.01
N ASP B 35 -19.24 17.82 14.46
CA ASP B 35 -20.67 17.52 14.19
C ASP B 35 -20.87 17.24 12.70
N GLY B 36 -19.86 16.66 12.05
CA GLY B 36 -19.89 16.31 10.61
C GLY B 36 -19.55 17.50 9.72
N ARG B 37 -18.91 18.52 10.27
CA ARG B 37 -18.54 19.75 9.53
C ARG B 37 -17.16 19.58 8.89
N ILE B 38 -16.41 18.55 9.31
CA ILE B 38 -15.06 18.24 8.75
C ILE B 38 -15.08 16.80 8.25
N GLU B 39 -14.51 16.59 7.06
CA GLU B 39 -14.13 15.27 6.50
C GLU B 39 -12.63 15.30 6.28
N ILE B 40 -11.91 14.30 6.79
CA ILE B 40 -10.46 14.14 6.51
C ILE B 40 -10.29 12.96 5.55
N GLU B 41 -9.69 13.24 4.40
CA GLU B 41 -9.34 12.24 3.38
C GLU B 41 -7.97 11.67 3.73
N ARG B 42 -7.84 10.34 3.87
CA ARG B 42 -6.56 9.69 4.30
C ARG B 42 -5.93 8.90 3.13
N TYR B 43 -4.75 9.31 2.69
CA TYR B 43 -3.96 8.74 1.57
C TYR B 43 -2.75 8.03 2.15
N PRO B 44 -2.75 6.68 2.20
CA PRO B 44 -1.58 5.91 2.65
C PRO B 44 -0.51 5.59 1.59
N SER B 45 0.61 5.03 2.04
CA SER B 45 1.71 4.50 1.19
C SER B 45 2.07 5.46 0.05
N MET B 46 2.10 6.76 0.33
CA MET B 46 2.61 7.80 -0.61
C MET B 46 1.76 7.77 -1.89
N GLN B 47 0.46 7.48 -1.75
CA GLN B 47 -0.50 7.32 -2.90
C GLN B 47 -0.53 8.59 -3.76
N LEU B 48 -0.31 9.79 -3.19
CA LEU B 48 -0.41 11.06 -3.93
C LEU B 48 0.92 11.39 -4.62
N GLY B 49 1.98 10.58 -4.43
CA GLY B 49 3.32 10.85 -4.99
C GLY B 49 4.33 11.28 -3.92
N GLY B 50 5.61 11.17 -4.27
CA GLY B 50 6.76 11.54 -3.42
C GLY B 50 7.29 10.35 -2.65
N THR B 51 8.45 10.51 -2.01
CA THR B 51 9.00 9.56 -1.02
C THR B 51 8.67 10.06 0.37
N PRO B 52 8.69 9.17 1.40
CA PRO B 52 8.35 9.58 2.76
C PRO B 52 9.11 10.79 3.31
N PRO B 53 10.42 10.96 3.04
CA PRO B 53 11.13 12.11 3.58
C PRO B 53 10.54 13.47 3.13
N GLU B 54 9.78 13.50 2.02
CA GLU B 54 9.22 14.74 1.40
C GLU B 54 7.94 15.17 2.15
N LEU B 55 7.41 14.36 3.06
CA LEU B 55 6.07 14.61 3.68
C LEU B 55 6.06 15.93 4.44
N MET B 56 7.13 16.23 5.19
CA MET B 56 7.20 17.49 5.98
C MET B 56 6.94 18.66 5.03
N ASP B 57 7.61 18.63 3.87
CA ASP B 57 7.61 19.71 2.84
C ASP B 57 6.25 19.74 2.14
N GLN B 58 5.62 18.58 1.95
CA GLN B 58 4.26 18.47 1.35
C GLN B 58 3.24 19.21 2.22
N ALA B 59 3.41 19.18 3.55
CA ALA B 59 2.47 19.84 4.50
C ALA B 59 2.76 21.35 4.54
N ILE B 60 4.04 21.73 4.48
CA ILE B 60 4.49 23.15 4.49
C ILE B 60 4.07 23.80 3.18
N ASP B 61 4.37 23.15 2.05
CA ASP B 61 4.05 23.67 0.69
C ASP B 61 2.54 23.54 0.42
N GLY B 62 1.82 22.71 1.18
CA GLY B 62 0.34 22.63 1.15
C GLY B 62 -0.19 21.67 0.09
N ILE B 63 0.67 20.78 -0.43
CA ILE B 63 0.29 19.61 -1.28
C ILE B 63 -0.63 18.67 -0.48
N ALA B 64 -0.44 18.60 0.82
CA ALA B 64 -1.34 17.84 1.73
C ALA B 64 -1.71 18.75 2.89
N ASP B 65 -2.90 18.61 3.46
CA ASP B 65 -3.33 19.43 4.62
C ASP B 65 -2.66 18.91 5.90
N ILE B 66 -2.55 17.59 6.03
CA ILE B 66 -2.01 16.90 7.24
C ILE B 66 -1.04 15.81 6.76
N VAL B 67 0.11 15.66 7.41
CA VAL B 67 1.02 14.49 7.20
C VAL B 67 1.39 13.90 8.58
N TRP B 68 1.64 12.59 8.60
CA TRP B 68 2.43 11.88 9.63
C TRP B 68 3.78 11.52 9.00
N THR B 69 4.88 11.95 9.63
CA THR B 69 6.23 11.71 9.11
C THR B 69 7.23 11.45 10.23
N VAL B 70 8.41 11.01 9.83
CA VAL B 70 9.59 10.73 10.69
C VAL B 70 10.46 12.00 10.69
N VAL B 71 10.66 12.61 11.85
CA VAL B 71 11.38 13.92 11.92
C VAL B 71 12.80 13.69 11.35
N GLY B 72 13.40 12.52 11.62
CA GLY B 72 14.78 12.19 11.24
C GLY B 72 14.99 12.06 9.75
N TYR B 73 13.91 11.91 8.97
CA TYR B 73 13.99 11.82 7.48
C TYR B 73 14.35 13.20 6.90
N THR B 74 14.02 14.29 7.60
CA THR B 74 14.48 15.69 7.27
C THR B 74 15.56 16.09 8.27
N PRO B 75 16.82 15.66 8.07
CA PRO B 75 17.91 15.98 9.00
C PRO B 75 18.44 17.42 8.92
N GLY B 76 19.03 17.89 10.02
CA GLY B 76 19.62 19.22 10.16
C GLY B 76 18.59 20.33 10.20
N ARG B 77 17.34 20.04 10.61
CA ARG B 77 16.22 21.02 10.60
C ARG B 77 15.48 21.06 11.94
N TYR B 78 15.37 19.94 12.65
CA TYR B 78 14.55 19.82 13.89
C TYR B 78 15.43 19.26 15.01
N PRO B 79 16.59 19.89 15.32
CA PRO B 79 17.59 19.31 16.24
C PRO B 79 17.12 18.99 17.67
N SER B 80 16.16 19.76 18.20
CA SER B 80 15.62 19.63 19.57
C SER B 80 14.90 18.29 19.77
N THR B 81 14.36 17.69 18.70
CA THR B 81 13.68 16.37 18.72
C THR B 81 14.71 15.25 18.96
N GLU B 82 15.94 15.46 18.49
CA GLU B 82 17.03 14.45 18.51
C GLU B 82 17.42 14.03 19.93
N VAL B 83 17.01 14.78 20.96
CA VAL B 83 17.32 14.45 22.39
C VAL B 83 16.70 13.09 22.72
N PHE B 84 15.57 12.76 22.10
CA PHE B 84 14.79 11.52 22.38
C PHE B 84 15.39 10.36 21.60
N GLU B 85 16.25 10.64 20.64
CA GLU B 85 16.89 9.67 19.72
C GLU B 85 18.27 9.28 20.25
N LEU B 86 18.73 9.87 21.37
CA LEU B 86 20.04 9.54 21.98
C LEU B 86 19.97 8.11 22.52
N PRO B 87 21.08 7.34 22.46
CA PRO B 87 21.01 5.91 22.80
C PRO B 87 20.71 5.65 24.28
N PHE B 88 19.80 4.71 24.55
CA PHE B 88 19.36 4.25 25.89
C PHE B 88 18.79 5.42 26.69
N MET B 89 17.97 6.27 26.05
CA MET B 89 17.41 7.53 26.61
C MET B 89 16.04 7.26 27.21
N VAL B 90 15.22 6.45 26.53
CA VAL B 90 13.77 6.25 26.82
C VAL B 90 13.50 4.85 27.39
N SER B 91 12.81 4.80 28.51
CA SER B 91 12.29 3.55 29.13
C SER B 91 10.80 3.38 28.82
N ASP B 92 10.06 4.46 28.52
CA ASP B 92 8.59 4.38 28.38
C ASP B 92 8.16 5.37 27.29
N ALA B 93 7.57 4.88 26.21
CA ALA B 93 7.18 5.74 25.08
C ALA B 93 6.13 6.77 25.56
N ARG B 94 5.20 6.37 26.46
CA ARG B 94 4.13 7.30 26.97
C ARG B 94 4.82 8.46 27.67
N ALA B 95 5.80 8.17 28.53
CA ALA B 95 6.57 9.15 29.33
C ALA B 95 7.41 10.02 28.40
N ALA B 96 8.08 9.42 27.39
CA ALA B 96 8.88 10.14 26.37
C ALA B 96 8.01 11.05 25.48
N SER B 97 6.72 10.74 25.33
CA SER B 97 5.80 11.44 24.41
C SER B 97 5.20 12.65 25.16
N TYR B 98 4.71 12.42 26.38
CA TYR B 98 4.35 13.47 27.37
C TYR B 98 5.46 14.53 27.42
N ALA B 99 6.72 14.09 27.54
CA ALA B 99 7.93 14.95 27.56
C ALA B 99 8.08 15.71 26.24
N TYR B 100 7.98 14.99 25.11
CA TYR B 100 8.22 15.51 23.75
C TYR B 100 7.24 16.68 23.45
N TRP B 101 5.95 16.53 23.82
CA TRP B 101 4.94 17.61 23.60
C TRP B 101 5.30 18.86 24.44
N LYS B 102 5.31 18.72 25.77
CA LYS B 102 5.63 19.82 26.72
C LYS B 102 6.92 20.54 26.29
N MET B 103 7.86 19.84 25.65
CA MET B 103 9.17 20.40 25.22
C MET B 103 9.07 21.00 23.82
N PHE B 104 8.12 20.52 23.01
CA PHE B 104 7.76 21.15 21.71
C PHE B 104 7.29 22.60 21.93
N GLU B 105 6.18 22.76 22.66
CA GLU B 105 5.53 24.07 22.95
C GLU B 105 6.57 25.03 23.52
N GLU B 106 7.41 24.53 24.43
CA GLU B 106 8.36 25.34 25.23
C GLU B 106 9.56 25.78 24.36
N HIS B 107 10.20 24.87 23.63
CA HIS B 107 11.52 25.11 23.00
C HIS B 107 11.44 25.13 21.46
N MET B 108 10.36 24.58 20.86
CA MET B 108 10.34 24.19 19.42
C MET B 108 9.24 24.91 18.63
N LYS B 109 8.06 25.16 19.23
CA LYS B 109 6.82 25.56 18.51
C LYS B 109 7.07 26.78 17.62
N ASP B 110 7.82 27.77 18.11
CA ASP B 110 8.01 29.10 17.47
C ASP B 110 9.42 29.24 16.91
N GLY B 111 10.13 28.13 16.71
CA GLY B 111 11.57 28.14 16.37
C GLY B 111 11.87 27.28 15.16
N GLU B 112 11.97 25.96 15.36
CA GLU B 112 12.33 25.01 14.28
C GLU B 112 11.03 24.51 13.61
N PHE B 113 9.89 24.51 14.30
CA PHE B 113 8.56 24.11 13.75
C PHE B 113 7.68 25.35 13.57
N ALA B 114 8.30 26.50 13.29
CA ALA B 114 7.64 27.81 13.05
C ALA B 114 6.68 27.70 11.85
N ASP B 115 7.14 27.03 10.78
CA ASP B 115 6.44 26.94 9.47
C ASP B 115 5.14 26.12 9.57
N VAL B 116 5.04 25.16 10.51
CA VAL B 116 3.94 24.15 10.56
C VAL B 116 3.13 24.26 11.86
N LYS B 117 1.85 23.90 11.79
CA LYS B 117 0.98 23.56 12.95
C LYS B 117 1.29 22.11 13.34
N ILE B 118 2.02 21.87 14.42
CA ILE B 118 2.27 20.50 14.94
C ILE B 118 1.10 20.14 15.85
N LEU B 119 0.47 18.99 15.60
CA LEU B 119 -0.73 18.49 16.31
C LEU B 119 -0.35 17.37 17.29
N GLY B 120 0.76 16.67 17.04
CA GLY B 120 1.18 15.47 17.80
C GLY B 120 2.68 15.27 17.75
N THR B 121 3.29 14.98 18.91
CA THR B 121 4.73 14.63 19.07
C THR B 121 4.86 13.30 19.83
N TRP B 122 5.49 12.28 19.25
CA TRP B 122 5.62 10.95 19.91
C TRP B 122 6.86 10.19 19.43
N VAL B 123 7.17 9.09 20.14
CA VAL B 123 8.26 8.13 19.78
C VAL B 123 7.61 6.76 19.66
N HIS B 124 8.25 5.83 18.93
CA HIS B 124 7.80 4.41 18.87
C HIS B 124 8.38 3.69 20.10
N GLY B 125 7.99 2.43 20.31
CA GLY B 125 8.57 1.58 21.37
C GLY B 125 10.04 1.28 21.10
N PRO B 126 10.69 0.41 21.91
CA PRO B 126 12.13 0.19 21.76
C PRO B 126 12.57 -0.26 20.36
N GLY B 127 13.51 0.50 19.75
CA GLY B 127 14.16 0.15 18.49
C GLY B 127 15.11 -1.01 18.67
N MET B 128 15.17 -1.91 17.69
CA MET B 128 15.94 -3.16 17.87
C MET B 128 16.40 -3.67 16.50
N PHE B 129 17.04 -4.82 16.51
CA PHE B 129 17.63 -5.41 15.29
C PHE B 129 16.81 -6.62 14.83
N HIS B 130 16.76 -6.80 13.51
CA HIS B 130 16.15 -7.92 12.77
C HIS B 130 17.11 -8.27 11.62
N THR B 131 17.69 -9.47 11.60
CA THR B 131 18.95 -9.74 10.85
C THR B 131 18.92 -11.14 10.23
N ASN B 132 19.64 -11.31 9.11
CA ASN B 132 19.69 -12.62 8.40
C ASN B 132 20.53 -13.61 9.20
N LYS B 133 21.38 -13.11 10.11
CA LYS B 133 22.30 -13.94 10.94
C LYS B 133 22.13 -13.50 12.40
N PRO B 134 22.34 -14.42 13.38
CA PRO B 134 22.13 -14.10 14.79
C PRO B 134 23.09 -12.98 15.23
N VAL B 135 22.62 -12.11 16.15
CA VAL B 135 23.42 -11.02 16.79
C VAL B 135 23.15 -11.10 18.29
N ALA B 136 24.20 -11.37 19.07
CA ALA B 136 24.18 -11.47 20.55
C ALA B 136 25.04 -10.36 21.15
N VAL B 137 26.15 -10.00 20.50
CA VAL B 137 27.10 -8.96 21.00
C VAL B 137 27.45 -8.04 19.85
N PRO B 138 27.94 -6.81 20.12
CA PRO B 138 28.25 -5.87 19.05
C PRO B 138 29.11 -6.44 17.91
N SER B 139 30.15 -7.23 18.24
CA SER B 139 31.11 -7.79 17.25
C SER B 139 30.43 -8.78 16.28
N ASP B 140 29.19 -9.20 16.53
CA ASP B 140 28.43 -10.06 15.58
C ASP B 140 27.92 -9.23 14.40
N LEU B 141 27.85 -7.91 14.53
CA LEU B 141 27.33 -7.00 13.47
C LEU B 141 28.43 -6.64 12.48
N GLU B 142 29.69 -7.06 12.66
CA GLU B 142 30.78 -6.54 11.80
C GLU B 142 30.63 -7.12 10.38
N GLY B 143 30.65 -6.24 9.38
CA GLY B 143 30.45 -6.58 7.95
C GLY B 143 28.97 -6.60 7.58
N MET B 144 28.07 -6.41 8.57
CA MET B 144 26.60 -6.47 8.31
C MET B 144 26.09 -5.09 7.84
N LYS B 145 25.40 -5.05 6.70
CA LYS B 145 24.68 -3.87 6.19
C LYS B 145 23.35 -3.71 6.93
N ILE B 146 23.21 -2.70 7.79
CA ILE B 146 21.99 -2.50 8.65
C ILE B 146 21.31 -1.20 8.24
N ARG B 147 20.02 -1.30 7.91
CA ARG B 147 19.17 -0.14 7.57
C ARG B 147 18.95 0.69 8.84
N GLY B 148 19.21 2.00 8.72
CA GLY B 148 18.88 2.99 9.76
C GLY B 148 18.03 4.08 9.16
N GLY B 149 17.30 4.79 10.00
CA GLY B 149 16.30 5.78 9.59
C GLY B 149 16.66 7.22 9.94
N SER B 150 17.77 7.50 10.61
CA SER B 150 18.16 8.88 11.02
C SER B 150 19.67 8.96 11.14
N ARG B 151 20.23 10.18 11.19
CA ARG B 151 21.69 10.37 11.39
C ARG B 151 22.09 9.76 12.75
N LEU B 152 21.27 9.92 13.79
CA LEU B 152 21.62 9.47 15.17
C LEU B 152 21.61 7.94 15.23
N VAL B 153 20.71 7.28 14.49
CA VAL B 153 20.73 5.79 14.36
C VAL B 153 21.97 5.39 13.57
N ASN B 154 22.29 6.06 12.45
CA ASN B 154 23.37 5.61 11.54
C ASN B 154 24.72 5.76 12.25
N ASP B 155 24.82 6.73 13.16
CA ASP B 155 25.95 6.96 14.08
C ASP B 155 26.10 5.74 14.99
N LEU B 156 25.04 5.41 15.73
CA LEU B 156 24.95 4.24 16.65
C LEU B 156 25.42 2.98 15.92
N LEU B 157 24.93 2.74 14.71
CA LEU B 157 25.25 1.52 13.90
C LEU B 157 26.74 1.46 13.58
N THR B 158 27.32 2.58 13.13
CA THR B 158 28.79 2.68 12.91
C THR B 158 29.52 2.29 14.19
N ARG B 159 29.10 2.87 15.33
CA ARG B 159 29.81 2.72 16.62
C ARG B 159 29.74 1.24 17.06
N VAL B 160 28.75 0.45 16.66
CA VAL B 160 28.71 -1.01 17.05
C VAL B 160 29.38 -1.84 15.97
N GLY B 161 29.80 -1.21 14.87
CA GLY B 161 30.60 -1.86 13.82
C GLY B 161 29.73 -2.35 12.68
N ALA B 162 28.49 -1.86 12.53
CA ALA B 162 27.63 -2.17 11.37
C ALA B 162 28.01 -1.25 10.20
N GLU B 163 27.65 -1.63 8.98
CA GLU B 163 27.63 -0.73 7.80
C GLU B 163 26.22 -0.14 7.70
N PRO B 164 25.98 1.12 8.10
CA PRO B 164 24.63 1.69 8.07
C PRO B 164 24.22 1.97 6.63
N ILE B 165 22.96 1.68 6.29
CA ILE B 165 22.33 2.03 4.98
C ILE B 165 21.11 2.90 5.31
N GLY B 166 21.15 4.20 4.97
CA GLY B 166 20.04 5.14 5.19
C GLY B 166 18.93 4.93 4.17
N MET B 167 17.71 4.58 4.60
CA MET B 167 16.54 4.32 3.70
C MET B 167 15.28 4.61 4.48
N PRO B 168 14.18 4.98 3.81
CA PRO B 168 12.90 5.12 4.51
C PRO B 168 12.31 3.72 4.74
N VAL B 169 11.39 3.61 5.69
CA VAL B 169 10.99 2.31 6.32
C VAL B 169 10.31 1.38 5.31
N PRO B 170 9.46 1.86 4.36
CA PRO B 170 8.72 0.94 3.49
C PRO B 170 9.63 0.16 2.52
N ALA B 171 10.85 0.67 2.26
CA ALA B 171 11.81 0.05 1.31
C ALA B 171 12.50 -1.19 1.91
N ILE B 172 12.39 -1.43 3.22
CA ILE B 172 13.08 -2.52 3.98
C ILE B 172 12.80 -3.87 3.32
N SER B 173 11.55 -4.13 2.93
CA SER B 173 11.05 -5.46 2.49
C SER B 173 11.77 -5.87 1.20
N GLU B 174 11.81 -4.95 0.22
CA GLU B 174 12.54 -5.15 -1.06
C GLU B 174 14.04 -5.34 -0.75
N ALA B 175 14.62 -4.43 0.02
CA ALA B 175 16.07 -4.40 0.36
C ALA B 175 16.48 -5.72 1.02
N LEU B 176 15.72 -6.23 2.00
CA LEU B 176 15.92 -7.57 2.60
C LEU B 176 15.71 -8.67 1.56
N SER B 177 14.64 -8.61 0.77
CA SER B 177 14.33 -9.68 -0.20
C SER B 177 15.48 -9.83 -1.22
N LYS B 178 16.13 -8.71 -1.59
CA LYS B 178 17.15 -8.63 -2.68
C LYS B 178 18.58 -8.57 -2.14
N GLY B 179 18.81 -8.56 -0.82
CA GLY B 179 20.17 -8.58 -0.22
C GLY B 179 20.87 -7.23 -0.24
N VAL B 180 20.16 -6.13 -0.52
CA VAL B 180 20.69 -4.74 -0.37
C VAL B 180 21.15 -4.56 1.08
N ILE B 181 20.44 -5.15 2.06
CA ILE B 181 20.82 -5.06 3.51
C ILE B 181 20.81 -6.46 4.13
N ASP B 182 21.63 -6.65 5.16
CA ASP B 182 21.68 -7.89 5.99
C ASP B 182 20.64 -7.82 7.11
N GLY B 183 20.07 -6.67 7.37
CA GLY B 183 19.09 -6.54 8.44
C GLY B 183 18.65 -5.11 8.60
N THR B 184 17.87 -4.85 9.64
CA THR B 184 17.30 -3.51 9.84
C THR B 184 17.06 -3.27 11.31
N THR B 185 17.10 -1.99 11.65
CA THR B 185 16.56 -1.39 12.90
C THR B 185 15.11 -1.03 12.63
N ILE B 186 14.24 -1.31 13.60
CA ILE B 186 12.84 -0.84 13.71
C ILE B 186 12.35 -1.37 15.04
N PRO B 187 11.28 -0.80 15.61
CA PRO B 187 10.60 -1.44 16.71
C PRO B 187 9.84 -2.67 16.21
N TRP B 188 9.37 -3.50 17.14
CA TRP B 188 8.59 -4.71 16.81
C TRP B 188 7.38 -4.34 15.93
N GLU B 189 6.66 -3.25 16.26
CA GLU B 189 5.24 -3.07 15.83
C GLU B 189 5.12 -3.16 14.30
N VAL B 190 6.05 -2.56 13.55
CA VAL B 190 5.97 -2.34 12.07
C VAL B 190 6.61 -3.52 11.33
N THR B 191 7.26 -4.46 12.04
CA THR B 191 7.81 -5.70 11.43
C THR B 191 6.71 -6.43 10.63
N SER B 192 5.50 -6.54 11.19
CA SER B 192 4.40 -7.36 10.62
C SER B 192 4.02 -6.83 9.24
N ALA B 193 3.70 -5.53 9.11
CA ALA B 193 3.36 -4.86 7.83
C ALA B 193 4.51 -5.02 6.84
N LEU B 194 5.75 -4.98 7.33
CA LEU B 194 6.94 -4.99 6.44
C LEU B 194 7.44 -6.42 6.16
N LYS B 195 6.69 -7.44 6.59
CA LYS B 195 7.03 -8.88 6.35
C LYS B 195 8.44 -9.18 6.89
N VAL B 196 8.89 -8.51 7.95
CA VAL B 196 10.26 -8.74 8.50
C VAL B 196 10.39 -10.17 9.05
N PRO B 197 9.42 -10.72 9.82
CA PRO B 197 9.54 -12.10 10.34
C PRO B 197 9.65 -13.18 9.26
N GLU B 198 8.98 -12.93 8.14
CA GLU B 198 9.02 -13.80 6.93
C GLU B 198 10.37 -13.70 6.21
N LEU B 199 11.00 -12.54 6.23
CA LEU B 199 12.18 -12.21 5.39
C LEU B 199 13.50 -12.46 6.16
N VAL B 200 13.52 -12.36 7.48
CA VAL B 200 14.71 -12.70 8.32
C VAL B 200 14.26 -13.56 9.49
N GLY B 201 15.17 -14.41 10.03
CA GLY B 201 14.87 -15.41 11.08
C GLY B 201 15.43 -15.04 12.46
N ASN B 202 16.10 -13.89 12.60
CA ASN B 202 16.80 -13.50 13.87
C ASN B 202 16.40 -12.08 14.29
N HIS B 203 16.37 -11.83 15.62
CA HIS B 203 15.96 -10.53 16.18
C HIS B 203 16.77 -10.30 17.46
N THR B 204 17.19 -9.07 17.71
CA THR B 204 17.97 -8.77 18.94
C THR B 204 17.27 -7.64 19.66
N GLU B 205 16.70 -7.89 20.84
CA GLU B 205 16.01 -6.86 21.65
C GLU B 205 16.83 -6.61 22.91
N PHE B 206 16.44 -5.58 23.66
CA PHE B 206 17.20 -5.10 24.84
C PHE B 206 16.24 -4.89 26.00
N ASP B 207 16.51 -5.51 27.15
CA ASP B 207 15.71 -5.22 28.36
C ASP B 207 16.15 -3.88 28.94
N GLY B 208 15.20 -3.16 29.55
CA GLY B 208 15.46 -1.87 30.22
C GLY B 208 15.31 -0.72 29.24
N PRO B 209 16.13 0.35 29.34
CA PRO B 209 16.03 1.47 28.39
C PRO B 209 16.22 1.09 26.91
N ALA B 210 15.43 1.67 26.01
CA ALA B 210 15.46 1.24 24.59
C ALA B 210 16.82 1.64 24.00
N LEU B 211 17.43 0.75 23.21
CA LEU B 211 18.65 1.07 22.42
C LEU B 211 18.50 2.47 21.79
N TYR B 212 17.39 2.72 21.09
CA TYR B 212 17.10 3.99 20.38
C TYR B 212 15.59 4.02 20.12
N ASN B 213 15.01 5.21 19.92
CA ASN B 213 13.66 5.34 19.31
C ASN B 213 13.64 6.61 18.46
N LEU B 214 12.97 6.61 17.31
CA LEU B 214 12.87 7.82 16.45
C LEU B 214 11.68 8.68 16.91
N THR B 215 11.67 9.97 16.57
CA THR B 215 10.54 10.89 16.80
C THR B 215 9.68 11.04 15.52
N PHE B 216 8.41 11.29 15.74
CA PHE B 216 7.40 11.55 14.70
C PHE B 216 6.76 12.90 15.02
N VAL B 217 6.09 13.46 14.02
CA VAL B 217 5.11 14.57 14.18
C VAL B 217 3.90 14.25 13.32
N LEU B 218 2.72 14.58 13.83
CA LEU B 218 1.53 14.83 12.99
C LEU B 218 1.48 16.34 12.70
N ALA B 219 1.81 16.73 11.45
CA ALA B 219 2.00 18.12 10.99
C ALA B 219 0.75 18.58 10.20
N MET B 220 0.38 19.87 10.31
CA MET B 220 -0.72 20.50 9.55
C MET B 220 -0.19 21.75 8.83
N ASN B 221 -0.64 21.97 7.59
CA ASN B 221 -0.33 23.21 6.84
C ASN B 221 -0.82 24.40 7.67
N LYS B 222 0.04 25.41 7.85
CA LYS B 222 -0.24 26.59 8.72
C LYS B 222 -1.40 27.39 8.10
N ASP B 223 -1.40 27.54 6.77
CA ASP B 223 -2.42 28.34 6.02
C ASP B 223 -3.77 27.64 6.14
N ALA B 224 -3.78 26.31 6.17
CA ALA B 224 -5.02 25.49 6.11
C ALA B 224 -5.63 25.39 7.51
N TYR B 225 -4.86 25.71 8.56
CA TYR B 225 -5.33 25.72 9.98
C TYR B 225 -5.94 27.09 10.30
N GLU B 226 -5.26 28.18 9.96
CA GLU B 226 -5.65 29.56 10.38
C GLU B 226 -6.95 29.96 9.68
N SER B 227 -7.06 29.71 8.37
CA SER B 227 -8.21 30.11 7.52
C SER B 227 -9.46 29.29 7.87
N LEU B 228 -9.35 28.31 8.78
CA LEU B 228 -10.53 27.59 9.34
C LEU B 228 -11.33 28.56 10.21
N PRO B 229 -12.67 28.39 10.33
CA PRO B 229 -13.44 28.98 11.43
C PRO B 229 -12.92 28.59 12.82
N GLU B 230 -12.96 29.53 13.78
CA GLU B 230 -12.25 29.39 15.08
C GLU B 230 -12.96 28.38 15.97
N ASP B 231 -14.27 28.14 15.74
CA ASP B 231 -15.02 27.02 16.35
C ASP B 231 -14.37 25.69 15.94
N LEU B 232 -13.89 25.57 14.69
CA LEU B 232 -13.27 24.32 14.14
C LEU B 232 -11.78 24.25 14.44
N GLN B 233 -11.08 25.39 14.58
CA GLN B 233 -9.72 25.43 15.21
C GLN B 233 -9.77 24.75 16.58
N GLU B 234 -10.68 25.17 17.47
CA GLU B 234 -10.89 24.57 18.81
C GLU B 234 -11.13 23.07 18.65
N VAL B 235 -12.10 22.68 17.81
CA VAL B 235 -12.46 21.25 17.54
C VAL B 235 -11.18 20.48 17.21
N ILE B 236 -10.27 21.08 16.44
CA ILE B 236 -8.97 20.45 16.04
C ILE B 236 -8.09 20.36 17.30
N ASP B 237 -7.58 21.50 17.76
CA ASP B 237 -6.75 21.65 18.99
C ASP B 237 -7.24 20.70 20.08
N SER B 238 -8.56 20.63 20.31
CA SER B 238 -9.19 19.85 21.42
C SER B 238 -8.92 18.35 21.26
N GLN B 239 -8.75 17.86 20.02
CA GLN B 239 -8.54 16.43 19.69
C GLN B 239 -7.05 16.16 19.41
N SER B 240 -6.20 17.15 19.67
CA SER B 240 -4.74 17.17 19.37
C SER B 240 -3.95 17.57 20.64
N GLY B 241 -2.62 17.62 20.53
CA GLY B 241 -1.71 18.00 21.62
C GLY B 241 -1.29 16.84 22.52
N LEU B 242 -1.45 17.00 23.84
CA LEU B 242 -0.79 16.20 24.91
C LEU B 242 -1.45 14.83 25.02
N ALA B 243 -2.74 14.81 25.35
CA ALA B 243 -3.49 13.55 25.57
C ALA B 243 -3.23 12.67 24.34
N PHE B 244 -3.41 13.25 23.15
CA PHE B 244 -3.19 12.62 21.83
C PHE B 244 -1.75 12.08 21.70
N SER B 245 -0.75 12.93 21.98
CA SER B 245 0.70 12.61 21.86
C SER B 245 1.01 11.32 22.64
N ILE B 246 0.53 11.24 23.90
CA ILE B 246 0.74 10.11 24.84
C ILE B 246 0.00 8.88 24.31
N PHE B 247 -1.23 9.08 23.85
CA PHE B 247 -2.05 8.04 23.19
C PHE B 247 -1.29 7.44 22.00
N ALA B 248 -0.61 8.26 21.20
CA ALA B 248 0.02 7.82 19.93
C ALA B 248 1.26 6.98 20.24
N GLY B 249 2.13 7.52 21.10
CA GLY B 249 3.33 6.83 21.62
C GLY B 249 2.94 5.53 22.29
N GLY B 250 1.94 5.58 23.17
CA GLY B 250 1.41 4.45 23.93
C GLY B 250 0.79 3.40 23.04
N THR B 251 -0.08 3.80 22.11
CA THR B 251 -0.70 2.88 21.12
C THR B 251 0.40 2.23 20.26
N GLN B 252 1.37 3.01 19.77
CA GLN B 252 2.40 2.47 18.84
C GLN B 252 3.32 1.51 19.60
N ALA B 253 3.71 1.86 20.83
CA ALA B 253 4.60 1.03 21.69
C ALA B 253 3.84 -0.25 22.07
N ASP B 254 2.57 -0.13 22.47
CA ASP B 254 1.75 -1.31 22.81
C ASP B 254 1.72 -2.29 21.63
N ALA B 255 1.76 -1.81 20.39
CA ALA B 255 1.60 -2.71 19.21
C ALA B 255 2.86 -3.58 18.98
N ASP B 256 3.92 -3.35 19.75
CA ASP B 256 5.13 -4.23 19.78
C ASP B 256 4.68 -5.64 20.19
N GLY B 257 3.78 -5.72 21.18
CA GLY B 257 3.29 -7.00 21.76
C GLY B 257 2.83 -8.00 20.71
N PRO B 258 1.73 -7.72 19.95
CA PRO B 258 1.25 -8.68 18.96
C PRO B 258 2.25 -8.93 17.83
N ALA B 259 3.06 -7.94 17.46
CA ALA B 259 4.08 -8.13 16.39
C ALA B 259 5.15 -9.12 16.88
N ARG B 260 5.62 -9.02 18.12
CA ARG B 260 6.67 -9.93 18.67
C ARG B 260 6.11 -11.35 18.73
N GLN B 261 4.85 -11.49 19.13
CA GLN B 261 4.20 -12.83 19.18
C GLN B 261 4.25 -13.52 17.81
N ILE B 262 4.07 -12.79 16.72
CA ILE B 262 4.12 -13.42 15.36
C ILE B 262 5.52 -14.02 15.17
N ALA B 263 6.59 -13.30 15.56
CA ALA B 263 7.98 -13.82 15.44
C ALA B 263 8.14 -15.08 16.33
N VAL B 264 7.59 -15.05 17.54
CA VAL B 264 7.69 -16.20 18.49
C VAL B 264 6.98 -17.39 17.87
N ASP B 265 5.75 -17.19 17.37
CA ASP B 265 4.87 -18.32 16.97
C ASP B 265 5.50 -19.06 15.79
N ARG B 266 6.20 -18.37 14.88
CA ARG B 266 6.75 -19.01 13.64
C ARG B 266 8.14 -19.61 13.93
N GLY B 267 8.66 -19.47 15.16
CA GLY B 267 9.91 -20.12 15.60
C GLY B 267 11.15 -19.32 15.22
N ASN B 268 11.03 -18.00 15.01
CA ASN B 268 12.19 -17.11 14.77
C ASN B 268 13.06 -17.05 16.03
N ASN B 269 14.34 -16.75 15.84
CA ASN B 269 15.38 -16.71 16.90
C ASN B 269 15.38 -15.30 17.50
N ILE B 270 14.93 -15.17 18.75
CA ILE B 270 14.94 -13.85 19.43
C ILE B 270 16.02 -13.91 20.51
N VAL B 271 17.06 -13.10 20.38
CA VAL B 271 18.09 -12.82 21.43
C VAL B 271 17.60 -11.67 22.28
N THR B 272 17.48 -11.89 23.59
CA THR B 272 17.15 -10.85 24.56
C THR B 272 18.42 -10.45 25.36
N VAL B 273 18.94 -9.26 25.09
CA VAL B 273 20.10 -8.69 25.81
C VAL B 273 19.56 -8.15 27.14
N SER B 274 20.05 -8.70 28.25
CA SER B 274 19.71 -8.21 29.62
C SER B 274 20.19 -6.76 29.80
N GLN B 275 19.61 -6.03 30.74
CA GLN B 275 20.01 -4.65 31.11
C GLN B 275 21.51 -4.68 31.46
N GLU B 276 21.96 -5.73 32.15
CA GLU B 276 23.38 -5.89 32.55
C GLU B 276 24.27 -6.04 31.31
N ASP B 277 23.86 -6.88 30.37
CA ASP B 277 24.65 -7.15 29.15
C ASP B 277 24.58 -5.90 28.24
N ALA B 278 23.54 -5.07 28.40
CA ALA B 278 23.31 -3.88 27.55
C ALA B 278 24.45 -2.89 27.78
N LYS B 279 25.09 -2.93 28.95
CA LYS B 279 26.21 -2.04 29.29
C LYS B 279 27.31 -2.17 28.22
N ALA B 280 27.62 -3.36 27.69
CA ALA B 280 28.64 -3.57 26.65
C ALA B 280 28.24 -2.81 25.37
N TRP B 281 26.94 -2.66 25.09
CA TRP B 281 26.43 -1.85 23.95
C TRP B 281 26.55 -0.36 24.27
N ASP B 282 26.10 0.06 25.46
CA ASP B 282 26.11 1.47 25.91
C ASP B 282 27.54 2.01 25.84
N ALA B 283 28.54 1.19 26.16
CA ALA B 283 29.96 1.60 26.20
C ALA B 283 30.43 2.00 24.80
N LEU B 284 29.93 1.36 23.73
CA LEU B 284 30.28 1.70 22.33
C LEU B 284 29.45 2.88 21.82
N VAL B 285 28.26 3.16 22.36
CA VAL B 285 27.33 4.16 21.73
C VAL B 285 27.17 5.44 22.57
N ASN B 286 27.42 5.46 23.88
CA ASN B 286 27.10 6.64 24.73
C ASN B 286 28.02 7.83 24.44
N PRO B 287 29.14 7.71 23.68
CA PRO B 287 29.90 8.91 23.26
C PRO B 287 29.08 9.88 22.39
N ILE B 288 28.01 9.40 21.75
CA ILE B 288 27.04 10.24 21.00
C ILE B 288 26.54 11.36 21.93
N TYR B 289 26.34 11.09 23.24
CA TYR B 289 25.81 12.11 24.19
C TYR B 289 26.73 13.35 24.21
N GLU B 290 28.04 13.16 24.04
CA GLU B 290 29.06 14.25 24.09
C GLU B 290 29.07 15.02 22.77
N THR B 291 29.15 14.31 21.64
CA THR B 291 29.24 14.90 20.27
C THR B 291 27.97 15.70 19.95
N TRP B 292 26.79 15.20 20.38
CA TRP B 292 25.49 15.88 20.13
C TRP B 292 25.39 17.14 20.99
N VAL B 293 25.64 17.05 22.31
CA VAL B 293 25.65 18.24 23.21
C VAL B 293 26.66 19.24 22.61
N ALA B 294 27.81 18.76 22.10
CA ALA B 294 28.83 19.56 21.39
C ALA B 294 28.20 20.27 20.17
N GLU B 295 27.36 19.58 19.39
CA GLU B 295 26.71 20.19 18.19
C GLU B 295 25.61 21.15 18.65
N MET B 296 24.67 20.72 19.49
CA MET B 296 23.56 21.56 20.03
C MET B 296 24.11 22.88 20.60
N ASN B 297 25.22 22.81 21.33
CA ASN B 297 25.98 23.95 21.89
C ASN B 297 26.38 24.90 20.76
N ASP B 298 26.98 24.36 19.68
CA ASP B 298 27.48 25.10 18.49
C ASP B 298 26.33 25.40 17.52
N LYS B 299 25.10 25.46 18.01
CA LYS B 299 23.92 26.01 17.28
C LYS B 299 23.10 26.88 18.23
N GLY B 300 23.63 27.20 19.43
CA GLY B 300 23.00 28.12 20.41
C GLY B 300 21.96 27.44 21.26
N ILE B 301 21.82 26.11 21.13
CA ILE B 301 20.83 25.29 21.88
C ILE B 301 21.56 24.64 23.07
N ASP B 302 20.99 24.73 24.27
CA ASP B 302 21.56 24.12 25.50
C ASP B 302 21.27 22.61 25.47
N GLY B 303 22.06 21.86 24.68
CA GLY B 303 21.95 20.40 24.52
C GLY B 303 21.77 19.70 25.85
N GLN B 304 22.68 19.99 26.80
CA GLN B 304 22.72 19.30 28.13
C GLN B 304 21.42 19.57 28.88
N ALA B 305 20.87 20.80 28.79
CA ALA B 305 19.62 21.21 29.46
C ALA B 305 18.39 20.50 28.86
N LEU B 306 18.39 20.23 27.56
CA LEU B 306 17.32 19.42 26.91
C LEU B 306 17.28 18.04 27.59
N ILE B 307 18.44 17.38 27.67
CA ILE B 307 18.60 16.01 28.26
C ILE B 307 17.98 16.00 29.67
N ASP B 308 18.42 16.90 30.55
CA ASP B 308 18.01 16.91 31.99
C ASP B 308 16.50 17.12 32.08
N GLU B 309 15.97 18.10 31.34
CA GLU B 309 14.51 18.44 31.29
C GLU B 309 13.72 17.20 30.83
N ALA B 310 14.15 16.56 29.73
CA ALA B 310 13.56 15.34 29.15
C ALA B 310 13.50 14.22 30.21
N LYS B 311 14.63 13.96 30.89
CA LYS B 311 14.72 13.02 32.03
C LYS B 311 13.70 13.42 33.11
N SER B 312 13.67 14.71 33.46
CA SER B 312 12.85 15.28 34.55
C SER B 312 11.37 15.14 34.21
N LEU B 313 10.99 15.54 32.99
CA LEU B 313 9.59 15.44 32.50
C LEU B 313 9.16 13.99 32.47
N MET B 314 10.01 13.08 31.97
CA MET B 314 9.71 11.62 31.91
C MET B 314 9.49 11.06 33.32
N GLU B 315 10.25 11.52 34.33
CA GLU B 315 10.04 11.13 35.75
C GLU B 315 8.71 11.73 36.26
N GLU B 316 8.40 12.97 35.87
CA GLU B 316 7.14 13.70 36.22
C GLU B 316 5.90 12.92 35.76
N TYR B 317 5.95 12.22 34.61
CA TYR B 317 4.78 11.52 33.98
C TYR B 317 4.21 10.46 34.94
N ASP B 318 2.91 10.18 34.81
CA ASP B 318 2.13 9.23 35.65
C ASP B 318 1.06 8.60 34.77
N PRO B 319 0.79 7.27 34.88
CA PRO B 319 -0.28 6.63 34.11
C PRO B 319 -1.63 7.38 34.08
N SER B 320 -1.95 8.16 35.11
CA SER B 320 -3.22 8.91 35.22
C SER B 320 -3.30 10.03 34.17
N MET B 321 -2.18 10.44 33.57
CA MET B 321 -2.12 11.48 32.50
C MET B 321 -2.48 10.90 31.12
N ASP B 322 -2.71 9.58 30.96
CA ASP B 322 -3.05 8.96 29.65
C ASP B 322 -4.57 8.99 29.49
N THR B 323 -5.10 10.14 29.04
CA THR B 323 -6.53 10.52 29.08
C THR B 323 -7.24 10.38 27.72
N TYR B 324 -6.54 10.56 26.59
CA TYR B 324 -7.13 10.71 25.23
C TYR B 324 -8.22 9.66 24.95
N GLY B 325 -7.90 8.38 25.16
CA GLY B 325 -8.83 7.27 24.91
C GLY B 325 -10.12 7.41 25.69
N LYS B 326 -10.02 7.66 27.00
CA LYS B 326 -11.19 7.75 27.90
C LYS B 326 -11.94 9.06 27.58
N ALA B 327 -11.19 10.11 27.23
CA ALA B 327 -11.67 11.43 26.78
C ALA B 327 -12.57 11.29 25.54
N ALA B 328 -12.27 10.34 24.63
CA ALA B 328 -13.19 9.90 23.56
C ALA B 328 -14.33 9.09 24.21
N ALA B 329 -15.47 9.75 24.45
CA ALA B 329 -16.67 9.18 25.11
C ALA B 329 -17.73 10.28 25.26
C1 HCI C . -5.92 -0.90 -15.72
O1 HCI C . -7.06 -0.39 -16.22
O2 HCI C . -4.81 -0.39 -15.99
C2 HCI C . -6.09 -2.06 -14.84
C3 HCI C . -7.31 -2.47 -14.44
C1' HCI C . -7.64 -3.02 -13.08
C2' HCI C . -8.97 -2.96 -12.63
C3' HCI C . -9.33 -3.49 -11.38
C4' HCI C . -8.36 -4.02 -10.49
C5' HCI C . -7.02 -4.02 -10.94
C6' HCI C . -6.67 -3.56 -12.22
C1 HCI D . 12.57 4.17 10.56
O1 HCI D . 13.08 4.65 9.42
O2 HCI D . 13.25 3.42 11.24
C2 HCI D . 11.20 4.51 10.96
C3 HCI D . 10.55 3.74 11.83
C1' HCI D . 9.07 3.57 11.90
C2' HCI D . 8.15 4.19 11.04
C3' HCI D . 6.77 3.97 11.18
C4' HCI D . 6.27 3.10 12.15
C5' HCI D . 7.20 2.47 13.00
C6' HCI D . 8.58 2.70 12.86
#